data_5SNW
#
_entry.id   5SNW
#
_cell.length_a   137.578
_cell.length_b   65.318
_cell.length_c   84.384
_cell.angle_alpha   90.000
_cell.angle_beta   93.400
_cell.angle_gamma   90.000
#
_symmetry.space_group_name_H-M   'C 1 2 1'
#
loop_
_entity.id
_entity.type
_entity.pdbx_description
1 polymer '3-oxoacyl-[acyl-carrier-protein] synthase 2'
2 non-polymer N-[2-(4-hydroxyphenyl)ethyl]pyridine-2-carboxamide
3 non-polymer 'DIMETHYL SULFOXIDE'
4 non-polymer 'PHOSPHATE ION'
5 water water
#
_entity_poly.entity_id   1
_entity_poly.type   'polypeptide(L)'
_entity_poly.pdbx_seq_one_letter_code
;MSRRRVVITGMGMLSPLGLDVPSSWEGILAGRSGIAPIEHMDLSAYSTRFGGSVKGFNVEEYLSAKEARKLDLFIQYGLA
ASFQAVRDSGLEVTDANRERIGVSMGSGIGGLTNIENNCRSLFEQGPRRISPFFVPGSIINMVSGFLSIHLGLQGPNYAL
TTAQTTGTHSIGMAARNIAYGEADVMVAGGSEMAACGLGLGGFGAARALSTRNDEPTRASRPWDRDRDGFVLSDGSGALV
LEELEHARARGARIYAELVGFGMSGDAFHMTAPPEDGAGAARCMKNALRDAGLDPRQVDYINAHGTSTPAGDIAEIAAVK
SVFGEHAHALSMSSTKSMTGHLLGAAGAVEAIFSVLALRDQVAPPTINLDNPDEGCDLDLVAHEAKPRKIDVALSNSFGF
GGTNGTLVFRRFAD
;
_entity_poly.pdbx_strand_id   A,B
#
loop_
_chem_comp.id
_chem_comp.type
_chem_comp.name
_chem_comp.formula
DMS non-polymer 'DIMETHYL SULFOXIDE' 'C2 H6 O S'
NUM non-polymer N-[2-(4-hydroxyphenyl)ethyl]pyridine-2-carboxamide 'C14 H14 N2 O2'
PO4 non-polymer 'PHOSPHATE ION' 'O4 P -3'
#
# COMPACT_ATOMS: atom_id res chain seq x y z
N SER A 2 22.85 -14.08 -0.78
CA SER A 2 22.05 -14.81 0.25
C SER A 2 21.58 -13.85 1.36
N ARG A 3 20.65 -14.30 2.20
CA ARG A 3 19.80 -13.42 3.05
C ARG A 3 20.63 -12.69 4.11
N ARG A 4 20.60 -11.37 4.13
CA ARG A 4 21.38 -10.54 5.09
C ARG A 4 20.55 -10.29 6.35
N ARG A 5 21.25 -9.99 7.44
CA ARG A 5 20.64 -9.65 8.75
C ARG A 5 20.27 -8.16 8.81
N VAL A 6 19.24 -7.83 9.61
CA VAL A 6 18.61 -6.48 9.64
C VAL A 6 18.51 -6.03 11.09
N VAL A 7 19.03 -4.84 11.36
CA VAL A 7 19.00 -4.24 12.72
C VAL A 7 18.24 -2.91 12.68
N ILE A 8 17.84 -2.47 13.87
CA ILE A 8 17.15 -1.18 14.09
C ILE A 8 18.18 -0.19 14.63
N THR A 9 18.41 0.93 13.92
CA THR A 9 19.45 1.92 14.28
C THR A 9 18.81 3.27 14.61
N GLY A 10 17.50 3.43 14.40
CA GLY A 10 16.82 4.73 14.61
C GLY A 10 15.33 4.53 14.75
N MET A 11 14.68 5.35 15.59
CA MET A 11 13.21 5.24 15.80
C MET A 11 12.62 6.65 15.98
N GLY A 12 11.37 6.82 15.56
CA GLY A 12 10.69 8.11 15.64
C GLY A 12 9.21 7.90 15.83
N MET A 13 8.55 8.85 16.46
CA MET A 13 7.14 8.65 16.86
C MET A 13 6.42 9.97 17.17
N LEU A 14 5.16 10.04 16.74
CA LEU A 14 4.12 10.89 17.34
C LEU A 14 3.03 9.94 17.85
N SER A 15 2.63 10.09 19.10
CA SER A 15 1.55 9.28 19.71
C SER A 15 0.69 10.18 20.58
N PRO A 16 -0.44 9.64 21.05
CA PRO A 16 -1.26 10.31 22.05
C PRO A 16 -0.53 10.46 23.40
N LEU A 17 0.65 9.85 23.56
CA LEU A 17 1.41 9.98 24.82
C LEU A 17 2.58 10.96 24.68
N GLY A 18 2.98 11.36 23.47
CA GLY A 18 4.12 12.27 23.33
C GLY A 18 4.49 12.61 21.89
N LEU A 19 5.35 13.60 21.71
CA LEU A 19 5.75 14.15 20.39
C LEU A 19 7.07 13.52 19.97
N ASP A 20 7.52 12.48 20.70
CA ASP A 20 8.69 11.66 20.31
C ASP A 20 8.65 10.31 21.02
N VAL A 21 9.66 9.49 20.79
CA VAL A 21 9.80 8.14 21.40
C VAL A 21 9.98 8.23 22.91
N PRO A 22 11.01 8.94 23.43
CA PRO A 22 11.27 8.95 24.88
C PRO A 22 10.06 9.37 25.71
N SER A 23 9.37 10.45 25.30
CA SER A 23 8.18 11.00 26.02
C SER A 23 7.03 9.98 25.95
N SER A 24 6.78 9.38 24.77
CA SER A 24 5.78 8.31 24.59
C SER A 24 6.11 7.13 25.52
N TRP A 25 7.35 6.63 25.49
CA TRP A 25 7.81 5.46 26.30
C TRP A 25 7.67 5.71 27.82
N GLU A 26 7.99 6.92 28.29
N GLU A 26 8.00 6.92 28.28
CA GLU A 26 7.81 7.30 29.72
CA GLU A 26 7.80 7.37 29.69
C GLU A 26 6.32 7.14 30.09
C GLU A 26 6.33 7.14 30.08
N GLY A 27 5.41 7.58 29.21
CA GLY A 27 3.97 7.45 29.46
C GLY A 27 3.56 5.98 29.48
N ILE A 28 4.06 5.19 28.55
CA ILE A 28 3.86 3.70 28.47
C ILE A 28 4.28 3.06 29.80
N LEU A 29 5.47 3.37 30.30
CA LEU A 29 6.01 2.66 31.49
C LEU A 29 5.26 3.13 32.74
N ALA A 30 4.65 4.32 32.72
CA ALA A 30 3.93 4.88 33.90
C ALA A 30 2.42 4.56 33.82
N GLY A 31 1.98 3.88 32.78
CA GLY A 31 0.58 3.43 32.67
C GLY A 31 -0.34 4.60 32.40
N ARG A 32 0.17 5.66 31.77
CA ARG A 32 -0.62 6.89 31.49
C ARG A 32 -1.45 6.66 30.23
N SER A 33 -2.72 7.08 30.24
CA SER A 33 -3.64 7.14 29.06
C SER A 33 -3.45 8.45 28.29
N GLY A 34 -3.46 8.33 26.96
CA GLY A 34 -3.40 9.46 26.02
C GLY A 34 -4.78 9.72 25.44
N ILE A 35 -5.84 9.21 26.08
CA ILE A 35 -7.20 9.24 25.48
C ILE A 35 -7.98 10.33 26.21
N ALA A 36 -8.73 11.13 25.47
CA ALA A 36 -9.42 12.35 25.96
C ALA A 36 -10.51 12.72 24.99
N PRO A 37 -11.55 13.45 25.45
CA PRO A 37 -12.52 14.02 24.53
C PRO A 37 -11.78 14.75 23.39
N ILE A 38 -12.28 14.60 22.16
CA ILE A 38 -11.68 15.23 20.96
C ILE A 38 -12.07 16.72 20.97
N GLU A 39 -11.10 17.59 20.78
CA GLU A 39 -11.29 19.07 20.82
C GLU A 39 -11.35 19.69 19.42
N HIS A 40 -10.85 19.01 18.39
CA HIS A 40 -10.60 19.64 17.05
C HIS A 40 -11.88 19.70 16.21
N MET A 41 -12.98 19.10 16.64
CA MET A 41 -14.29 19.19 15.93
C MET A 41 -15.45 18.93 16.89
N ASP A 42 -16.66 19.29 16.47
CA ASP A 42 -17.92 19.13 17.25
C ASP A 42 -18.48 17.72 17.05
N LEU A 43 -18.39 16.85 18.06
CA LEU A 43 -18.84 15.44 17.92
C LEU A 43 -20.18 15.21 18.66
N SER A 44 -20.99 16.24 18.91
CA SER A 44 -22.23 16.03 19.70
C SER A 44 -23.19 15.06 18.97
N ALA A 45 -23.18 14.95 17.64
CA ALA A 45 -24.10 14.05 16.89
C ALA A 45 -23.55 12.60 16.80
N TYR A 46 -22.31 12.38 17.26
CA TYR A 46 -21.57 11.10 17.14
C TYR A 46 -21.76 10.27 18.41
N SER A 47 -21.77 8.94 18.27
CA SER A 47 -21.88 7.99 19.40
C SER A 47 -20.53 7.90 20.15
N THR A 48 -19.42 8.33 19.53
CA THR A 48 -18.06 8.33 20.17
C THR A 48 -17.45 9.71 19.99
N ARG A 49 -16.97 10.30 21.08
CA ARG A 49 -16.64 11.75 21.14
C ARG A 49 -15.21 11.94 21.66
N PHE A 50 -14.44 10.86 21.73
CA PHE A 50 -13.08 10.86 22.31
C PHE A 50 -12.18 9.98 21.45
N GLY A 51 -10.87 10.02 21.73
CA GLY A 51 -9.85 9.31 20.94
C GLY A 51 -8.47 9.68 21.42
N GLY A 52 -7.43 9.09 20.82
CA GLY A 52 -6.03 9.45 21.09
C GLY A 52 -5.53 10.48 20.10
N SER A 53 -5.59 11.75 20.48
CA SER A 53 -5.11 12.87 19.63
C SER A 53 -3.62 13.05 19.88
N VAL A 54 -2.86 13.46 18.89
CA VAL A 54 -1.48 13.99 19.11
C VAL A 54 -1.68 15.39 19.69
N LYS A 55 -1.13 15.71 20.85
CA LYS A 55 -1.37 17.00 21.55
C LYS A 55 -0.17 17.92 21.30
N GLY A 56 -0.40 19.13 20.79
CA GLY A 56 0.63 20.17 20.68
C GLY A 56 1.69 19.89 19.62
N PHE A 57 1.33 19.15 18.58
CA PHE A 57 2.23 18.89 17.44
C PHE A 57 2.57 20.21 16.75
N ASN A 58 3.86 20.45 16.60
CA ASN A 58 4.36 21.64 15.87
C ASN A 58 5.04 21.22 14.55
N VAL A 59 4.32 21.27 13.45
CA VAL A 59 4.90 20.86 12.13
C VAL A 59 6.10 21.75 11.76
N GLU A 60 6.19 22.97 12.27
CA GLU A 60 7.31 23.90 11.97
C GLU A 60 8.57 23.53 12.76
N GLU A 61 8.57 22.40 13.48
CA GLU A 61 9.81 21.72 13.94
C GLU A 61 10.43 20.94 12.80
N TYR A 62 9.69 20.71 11.71
CA TYR A 62 10.05 19.76 10.63
C TYR A 62 10.00 20.43 9.27
N LEU A 63 8.96 21.22 9.02
CA LEU A 63 8.63 21.71 7.66
C LEU A 63 8.26 23.18 7.74
N SER A 64 8.43 23.89 6.62
CA SER A 64 7.90 25.27 6.42
C SER A 64 6.37 25.24 6.49
N ALA A 65 5.74 26.25 7.08
CA ALA A 65 4.27 26.34 7.17
C ALA A 65 3.71 26.30 5.74
N LYS A 66 4.45 26.83 4.76
CA LYS A 66 4.01 26.90 3.34
C LYS A 66 3.83 25.49 2.73
N GLU A 67 4.74 24.56 3.07
N GLU A 67 4.74 24.57 3.06
CA GLU A 67 4.67 23.15 2.62
CA GLU A 67 4.65 23.15 2.65
C GLU A 67 3.61 22.40 3.45
C GLU A 67 3.55 22.46 3.45
N ALA A 68 3.62 22.59 4.78
CA ALA A 68 2.71 21.88 5.70
C ALA A 68 1.24 22.08 5.32
N ARG A 69 0.87 23.30 4.88
N ARG A 69 0.88 23.28 4.85
CA ARG A 69 -0.50 23.68 4.49
CA ARG A 69 -0.52 23.65 4.53
C ARG A 69 -1.03 22.73 3.39
C ARG A 69 -1.03 22.84 3.33
N LYS A 70 -0.14 22.24 2.52
CA LYS A 70 -0.54 21.40 1.35
C LYS A 70 -0.77 19.93 1.74
N LEU A 71 -0.42 19.52 2.96
CA LEU A 71 -0.32 18.08 3.32
C LEU A 71 -1.33 17.73 4.39
N ASP A 72 -1.98 16.57 4.24
CA ASP A 72 -2.84 16.01 5.30
C ASP A 72 -2.01 15.77 6.56
N LEU A 73 -2.65 15.90 7.71
CA LEU A 73 -2.03 15.55 9.01
C LEU A 73 -1.35 14.17 8.94
N PHE A 74 -1.89 13.16 8.23
CA PHE A 74 -1.25 11.80 8.26
C PHE A 74 0.13 11.91 7.60
N ILE A 75 0.29 12.73 6.56
CA ILE A 75 1.61 12.95 5.93
C ILE A 75 2.48 13.74 6.88
N GLN A 76 1.96 14.83 7.48
CA GLN A 76 2.77 15.62 8.43
C GLN A 76 3.27 14.69 9.53
N TYR A 77 2.42 13.82 10.08
CA TYR A 77 2.80 12.92 11.21
C TYR A 77 3.85 11.89 10.73
N GLY A 78 3.65 11.34 9.55
CA GLY A 78 4.60 10.37 8.94
C GLY A 78 5.98 10.96 8.71
N LEU A 79 6.04 12.18 8.16
CA LEU A 79 7.31 12.92 7.97
C LEU A 79 7.99 13.18 9.32
N ALA A 80 7.25 13.64 10.35
CA ALA A 80 7.82 13.95 11.67
C ALA A 80 8.48 12.68 12.23
N ALA A 81 7.74 11.57 12.26
CA ALA A 81 8.31 10.31 12.80
C ALA A 81 9.53 9.89 11.96
N SER A 82 9.43 9.96 10.63
CA SER A 82 10.54 9.61 9.70
C SER A 82 11.77 10.49 9.98
N PHE A 83 11.59 11.81 10.04
CA PHE A 83 12.69 12.76 10.32
C PHE A 83 13.35 12.38 11.65
N GLN A 84 12.57 12.13 12.70
CA GLN A 84 13.13 11.75 14.02
C GLN A 84 13.97 10.48 13.88
N ALA A 85 13.48 9.48 13.16
CA ALA A 85 14.11 8.14 13.09
C ALA A 85 15.45 8.32 12.37
N VAL A 86 15.44 9.07 11.28
CA VAL A 86 16.68 9.26 10.48
C VAL A 86 17.74 10.00 11.33
N ARG A 87 17.36 11.07 12.03
CA ARG A 87 18.27 11.82 12.94
C ARG A 87 18.77 10.87 14.03
N ASP A 88 17.86 10.11 14.65
CA ASP A 88 18.19 9.14 15.72
C ASP A 88 19.20 8.10 15.22
N SER A 89 19.19 7.76 13.93
CA SER A 89 20.10 6.76 13.34
C SER A 89 21.54 7.28 13.25
N GLY A 90 21.78 8.60 13.16
CA GLY A 90 23.10 9.20 12.86
C GLY A 90 23.53 8.99 11.39
N LEU A 91 22.69 8.39 10.57
CA LEU A 91 23.05 8.07 9.17
C LEU A 91 23.19 9.39 8.40
N GLU A 92 24.24 9.48 7.55
CA GLU A 92 24.45 10.60 6.60
C GLU A 92 24.12 10.08 5.20
N VAL A 93 23.19 10.74 4.51
CA VAL A 93 22.81 10.47 3.10
C VAL A 93 23.84 11.14 2.19
N THR A 94 24.47 10.38 1.32
CA THR A 94 25.53 10.84 0.39
C THR A 94 25.23 10.35 -1.03
N ASP A 95 25.95 10.89 -2.01
CA ASP A 95 25.90 10.35 -3.38
C ASP A 95 26.27 8.86 -3.35
N ALA A 96 27.16 8.43 -2.44
CA ALA A 96 27.68 7.05 -2.40
C ALA A 96 26.61 6.07 -1.91
N ASN A 97 25.60 6.53 -1.16
CA ASN A 97 24.63 5.60 -0.51
C ASN A 97 23.17 5.98 -0.82
N ARG A 98 22.88 7.11 -1.47
CA ARG A 98 21.47 7.54 -1.60
C ARG A 98 20.66 6.51 -2.42
N GLU A 99 21.29 5.75 -3.32
CA GLU A 99 20.52 4.81 -4.19
C GLU A 99 20.16 3.55 -3.40
N ARG A 100 20.79 3.36 -2.24
CA ARG A 100 20.65 2.16 -1.38
C ARG A 100 19.78 2.45 -0.15
N ILE A 101 19.19 3.64 -0.07
CA ILE A 101 18.29 4.01 1.05
C ILE A 101 16.90 4.28 0.49
N GLY A 102 15.91 3.57 1.00
CA GLY A 102 14.53 3.74 0.54
C GLY A 102 13.60 3.95 1.70
N VAL A 103 12.31 3.95 1.39
CA VAL A 103 11.27 4.28 2.38
C VAL A 103 10.00 3.50 2.04
N SER A 104 9.39 2.98 3.07
CA SER A 104 8.08 2.29 3.04
C SER A 104 7.31 2.75 4.28
N MET A 105 6.66 3.89 4.17
CA MET A 105 5.77 4.40 5.23
C MET A 105 4.34 4.29 4.69
N GLY A 106 3.48 3.60 5.42
CA GLY A 106 2.13 3.26 4.97
C GLY A 106 1.07 3.93 5.83
N SER A 107 -0.18 3.77 5.42
CA SER A 107 -1.35 4.26 6.16
C SER A 107 -2.55 3.36 5.84
N GLY A 108 -3.47 3.21 6.78
CA GLY A 108 -4.70 2.41 6.57
C GLY A 108 -5.67 3.13 5.67
N ILE A 109 -5.93 4.40 5.96
CA ILE A 109 -6.99 5.23 5.32
C ILE A 109 -6.40 6.47 4.64
N GLY A 110 -5.24 6.96 5.13
CA GLY A 110 -4.56 8.13 4.56
C GLY A 110 -5.38 9.40 4.75
N GLY A 111 -5.54 10.20 3.69
CA GLY A 111 -5.81 11.64 3.86
C GLY A 111 -7.30 11.92 3.92
N LEU A 112 -8.00 11.26 4.85
CA LEU A 112 -9.48 11.30 4.90
C LEU A 112 -9.95 12.71 5.27
N THR A 113 -9.27 13.38 6.20
CA THR A 113 -9.60 14.77 6.63
C THR A 113 -9.60 15.67 5.39
N ASN A 114 -8.49 15.61 4.64
CA ASN A 114 -8.31 16.44 3.43
C ASN A 114 -9.39 16.08 2.41
N ILE A 115 -9.71 14.80 2.24
CA ILE A 115 -10.65 14.37 1.17
C ILE A 115 -12.05 14.84 1.57
N GLU A 116 -12.33 14.77 2.86
CA GLU A 116 -13.62 15.23 3.43
C GLU A 116 -13.72 16.74 3.19
N ASN A 117 -12.67 17.50 3.54
CA ASN A 117 -12.69 18.99 3.43
C ASN A 117 -12.87 19.41 1.97
N ASN A 118 -12.18 18.74 1.04
CA ASN A 118 -12.31 19.02 -0.40
C ASN A 118 -13.68 18.57 -0.87
N CYS A 119 -14.22 17.47 -0.32
CA CYS A 119 -15.58 17.02 -0.66
C CYS A 119 -16.62 18.09 -0.25
N ARG A 120 -16.42 18.75 0.89
CA ARG A 120 -17.27 19.86 1.40
C ARG A 120 -17.21 21.03 0.40
N SER A 121 -15.99 21.51 0.07
CA SER A 121 -15.74 22.52 -0.99
C SER A 121 -16.49 22.17 -2.28
N LEU A 122 -16.36 20.92 -2.74
CA LEU A 122 -16.97 20.44 -4.00
C LEU A 122 -18.49 20.61 -3.93
N PHE A 123 -19.12 20.13 -2.85
CA PHE A 123 -20.59 20.04 -2.73
C PHE A 123 -21.20 21.43 -2.48
N GLU A 124 -20.55 22.23 -1.65
CA GLU A 124 -21.10 23.52 -1.16
C GLU A 124 -20.82 24.60 -2.19
N GLN A 125 -19.71 24.50 -2.93
CA GLN A 125 -19.24 25.61 -3.79
C GLN A 125 -19.16 25.12 -5.23
N GLY A 126 -18.34 24.09 -5.47
CA GLY A 126 -18.08 23.61 -6.82
C GLY A 126 -16.66 23.09 -6.92
N PRO A 127 -16.36 22.44 -8.06
CA PRO A 127 -15.07 21.80 -8.27
C PRO A 127 -13.94 22.81 -8.32
N ARG A 128 -14.23 24.07 -8.69
CA ARG A 128 -13.18 25.12 -8.83
C ARG A 128 -12.59 25.45 -7.45
N ARG A 129 -13.22 25.04 -6.35
CA ARG A 129 -12.67 25.27 -5.00
C ARG A 129 -11.87 24.07 -4.50
N ILE A 130 -11.75 22.97 -5.26
CA ILE A 130 -10.88 21.84 -4.80
C ILE A 130 -9.43 22.34 -4.81
N SER A 131 -8.67 22.08 -3.75
CA SER A 131 -7.22 22.41 -3.69
C SER A 131 -6.46 21.80 -4.86
N PRO A 132 -5.60 22.58 -5.55
CA PRO A 132 -4.63 22.03 -6.50
C PRO A 132 -3.75 20.91 -5.91
N PHE A 133 -3.58 20.89 -4.59
CA PHE A 133 -2.71 19.93 -3.85
C PHE A 133 -3.53 18.73 -3.32
N PHE A 134 -4.81 18.62 -3.69
CA PHE A 134 -5.73 17.58 -3.18
C PHE A 134 -5.11 16.18 -3.33
N VAL A 135 -4.62 15.84 -4.53
CA VAL A 135 -4.08 14.48 -4.80
C VAL A 135 -2.75 14.27 -4.10
N PRO A 136 -1.67 15.05 -4.39
CA PRO A 136 -0.38 14.84 -3.76
C PRO A 136 -0.41 15.09 -2.24
N GLY A 137 -1.40 15.82 -1.75
CA GLY A 137 -1.50 16.14 -0.30
C GLY A 137 -2.32 15.10 0.47
N SER A 138 -2.90 14.11 -0.19
CA SER A 138 -3.89 13.19 0.43
C SER A 138 -3.54 11.71 0.23
N ILE A 139 -2.92 11.33 -0.88
CA ILE A 139 -2.79 9.89 -1.25
C ILE A 139 -1.64 9.25 -0.46
N ILE A 140 -1.73 7.96 -0.20
CA ILE A 140 -1.04 7.32 0.93
C ILE A 140 0.47 7.28 0.67
N ASN A 141 0.88 7.14 -0.59
CA ASN A 141 2.32 6.97 -0.95
C ASN A 141 3.13 8.26 -0.77
N MET A 142 2.55 9.34 -0.25
CA MET A 142 3.25 10.66 -0.32
C MET A 142 4.04 10.90 0.96
N VAL A 143 3.88 10.05 1.98
CA VAL A 143 4.88 10.04 3.09
C VAL A 143 6.22 9.60 2.50
N SER A 144 6.22 8.43 1.85
CA SER A 144 7.43 7.90 1.17
C SER A 144 7.93 8.93 0.15
N GLY A 145 7.01 9.51 -0.60
CA GLY A 145 7.36 10.48 -1.65
C GLY A 145 8.06 11.68 -1.05
N PHE A 146 7.38 12.40 -0.14
CA PHE A 146 7.91 13.65 0.45
C PHE A 146 9.16 13.35 1.26
N LEU A 147 9.28 12.18 1.90
CA LEU A 147 10.48 11.91 2.70
C LEU A 147 11.67 11.81 1.75
N SER A 148 11.50 11.08 0.64
N SER A 148 11.51 11.06 0.65
CA SER A 148 12.56 10.87 -0.38
CA SER A 148 12.51 10.85 -0.42
C SER A 148 13.00 12.21 -0.96
C SER A 148 12.99 12.21 -0.95
N ILE A 149 12.05 13.11 -1.25
CA ILE A 149 12.33 14.47 -1.83
C ILE A 149 13.14 15.29 -0.83
N HIS A 150 12.73 15.32 0.45
CA HIS A 150 13.41 16.12 1.51
C HIS A 150 14.78 15.53 1.84
N LEU A 151 14.97 14.21 1.86
CA LEU A 151 16.27 13.64 2.31
C LEU A 151 17.13 13.20 1.13
N GLY A 152 16.60 13.10 -0.09
CA GLY A 152 17.32 12.61 -1.29
C GLY A 152 17.48 11.10 -1.30
N LEU A 153 16.46 10.36 -0.86
CA LEU A 153 16.46 8.88 -0.82
C LEU A 153 16.02 8.36 -2.20
N GLN A 154 16.88 7.60 -2.87
CA GLN A 154 16.61 7.15 -4.25
C GLN A 154 16.41 5.63 -4.29
N GLY A 155 16.46 4.96 -3.13
CA GLY A 155 16.17 3.51 -3.02
C GLY A 155 14.69 3.17 -3.26
N PRO A 156 14.31 1.90 -3.05
CA PRO A 156 12.91 1.50 -3.22
C PRO A 156 12.00 2.46 -2.44
N ASN A 157 10.98 2.93 -3.12
CA ASN A 157 10.07 3.96 -2.63
C ASN A 157 8.65 3.44 -2.79
N TYR A 158 7.98 3.07 -1.72
CA TYR A 158 6.61 2.50 -1.82
C TYR A 158 5.83 2.69 -0.52
N ALA A 159 4.58 2.28 -0.57
CA ALA A 159 3.67 2.37 0.59
C ALA A 159 2.76 1.15 0.59
N LEU A 160 2.58 0.57 1.77
CA LEU A 160 1.60 -0.53 2.03
C LEU A 160 0.33 0.14 2.55
N THR A 161 -0.78 -0.50 2.30
CA THR A 161 -2.05 -0.14 2.96
C THR A 161 -2.77 -1.45 3.24
N THR A 162 -2.66 -1.95 4.48
CA THR A 162 -3.28 -3.23 4.91
C THR A 162 -4.03 -2.95 6.21
N ALA A 163 -4.78 -1.86 6.20
CA ALA A 163 -5.66 -1.48 7.32
C ALA A 163 -4.86 -1.50 8.63
N GLN A 164 -5.34 -2.18 9.66
CA GLN A 164 -4.75 -2.18 11.01
C GLN A 164 -3.44 -2.97 11.07
N THR A 165 -3.01 -3.58 9.96
CA THR A 165 -1.75 -4.37 9.89
C THR A 165 -0.66 -3.58 9.18
N THR A 166 -0.99 -2.40 8.69
CA THR A 166 -0.11 -1.62 7.80
C THR A 166 1.29 -1.45 8.39
N GLY A 167 1.42 -1.01 9.64
CA GLY A 167 2.74 -0.65 10.19
C GLY A 167 3.63 -1.86 10.32
N THR A 168 3.03 -2.98 10.66
CA THR A 168 3.77 -4.23 10.85
C THR A 168 4.28 -4.75 9.48
N HIS A 169 3.40 -4.85 8.50
CA HIS A 169 3.75 -5.24 7.10
C HIS A 169 4.81 -4.31 6.53
N SER A 170 4.66 -2.99 6.77
CA SER A 170 5.57 -2.00 6.19
C SER A 170 6.98 -2.31 6.70
N ILE A 171 7.09 -2.57 8.01
CA ILE A 171 8.41 -2.82 8.64
C ILE A 171 8.97 -4.16 8.15
N GLY A 172 8.13 -5.20 8.14
CA GLY A 172 8.54 -6.55 7.68
C GLY A 172 9.04 -6.59 6.25
N MET A 173 8.27 -6.02 5.33
N MET A 173 8.30 -5.99 5.33
CA MET A 173 8.59 -6.00 3.87
CA MET A 173 8.63 -6.03 3.88
C MET A 173 9.85 -5.14 3.64
C MET A 173 9.83 -5.10 3.59
N ALA A 174 10.00 -4.04 4.37
CA ALA A 174 11.23 -3.18 4.28
C ALA A 174 12.44 -4.01 4.76
N ALA A 175 12.28 -4.82 5.80
CA ALA A 175 13.36 -5.73 6.26
C ALA A 175 13.73 -6.74 5.16
N ARG A 176 12.73 -7.31 4.49
CA ARG A 176 12.95 -8.22 3.35
C ARG A 176 13.71 -7.51 2.22
N ASN A 177 13.38 -6.27 1.91
CA ASN A 177 14.13 -5.50 0.87
C ASN A 177 15.64 -5.54 1.18
N ILE A 178 15.99 -5.35 2.44
CA ILE A 178 17.40 -5.27 2.92
C ILE A 178 17.96 -6.69 2.95
N ALA A 179 17.22 -7.60 3.57
CA ALA A 179 17.55 -9.03 3.65
C ALA A 179 18.02 -9.53 2.28
N TYR A 180 17.27 -9.22 1.21
CA TYR A 180 17.50 -9.74 -0.17
C TYR A 180 18.41 -8.86 -1.03
N GLY A 181 18.97 -7.76 -0.51
CA GLY A 181 19.95 -6.92 -1.25
C GLY A 181 19.32 -5.83 -2.10
N GLU A 182 18.02 -5.54 -1.97
CA GLU A 182 17.38 -4.48 -2.80
C GLU A 182 17.72 -3.10 -2.21
N ALA A 183 18.13 -3.05 -0.94
CA ALA A 183 18.51 -1.81 -0.22
C ALA A 183 19.43 -2.19 0.95
N ASP A 184 20.15 -1.22 1.50
CA ASP A 184 20.97 -1.39 2.71
C ASP A 184 20.29 -0.73 3.89
N VAL A 185 19.46 0.29 3.61
CA VAL A 185 18.73 1.08 4.64
C VAL A 185 17.30 1.29 4.15
N MET A 186 16.34 1.20 5.07
CA MET A 186 14.94 1.53 4.76
C MET A 186 14.37 2.29 5.95
N VAL A 187 13.62 3.35 5.67
CA VAL A 187 12.78 4.02 6.70
C VAL A 187 11.37 3.46 6.55
N ALA A 188 10.85 2.80 7.58
CA ALA A 188 9.61 2.01 7.44
C ALA A 188 8.74 2.19 8.67
N GLY A 189 7.44 2.23 8.45
CA GLY A 189 6.48 2.33 9.53
C GLY A 189 5.16 2.76 8.98
N GLY A 190 4.45 3.60 9.71
CA GLY A 190 3.13 4.05 9.27
C GLY A 190 2.66 5.27 10.01
N SER A 191 1.58 5.85 9.51
CA SER A 191 0.99 7.09 10.09
C SER A 191 -0.50 7.05 9.81
N GLU A 192 -1.24 7.67 10.70
CA GLU A 192 -2.70 7.71 10.57
C GLU A 192 -3.25 8.95 11.26
N MET A 193 -4.24 9.57 10.62
N MET A 193 -4.26 9.54 10.62
CA MET A 193 -5.12 10.59 11.26
CA MET A 193 -5.11 10.61 11.20
C MET A 193 -6.51 10.44 10.64
C MET A 193 -6.51 10.43 10.62
N ALA A 194 -7.31 9.57 11.23
CA ALA A 194 -8.64 9.21 10.71
C ALA A 194 -9.73 9.89 11.56
N ALA A 195 -9.36 10.78 12.51
CA ALA A 195 -10.30 11.46 13.41
C ALA A 195 -10.89 12.66 12.68
N CYS A 196 -11.75 12.38 11.72
CA CYS A 196 -12.65 13.34 11.03
C CYS A 196 -14.06 12.76 11.11
N GLY A 197 -15.06 13.48 10.62
CA GLY A 197 -16.45 13.02 10.52
C GLY A 197 -16.55 11.62 9.94
N LEU A 198 -15.97 11.39 8.75
CA LEU A 198 -16.11 10.11 8.02
C LEU A 198 -15.44 8.99 8.83
N GLY A 199 -14.29 9.26 9.45
CA GLY A 199 -13.57 8.29 10.30
C GLY A 199 -14.37 7.86 11.51
N LEU A 200 -14.67 8.81 12.38
CA LEU A 200 -15.43 8.54 13.62
C LEU A 200 -16.85 8.09 13.27
N GLY A 201 -17.46 8.72 12.26
CA GLY A 201 -18.78 8.35 11.75
C GLY A 201 -18.77 6.94 11.17
N GLY A 202 -17.78 6.60 10.35
CA GLY A 202 -17.75 5.30 9.64
C GLY A 202 -17.51 4.16 10.61
N PHE A 203 -16.56 4.30 11.53
CA PHE A 203 -16.32 3.27 12.57
C PHE A 203 -17.52 3.24 13.53
N GLY A 204 -18.11 4.39 13.81
CA GLY A 204 -19.35 4.50 14.61
C GLY A 204 -20.50 3.74 13.97
N ALA A 205 -20.72 3.92 12.67
CA ALA A 205 -21.81 3.26 11.93
C ALA A 205 -21.64 1.74 12.01
N ALA A 206 -20.40 1.26 12.11
CA ALA A 206 -20.11 -0.20 12.18
C ALA A 206 -20.21 -0.66 13.64
N ARG A 207 -20.42 0.28 14.56
CA ARG A 207 -20.50 0.01 16.02
C ARG A 207 -19.21 -0.63 16.52
N ALA A 208 -18.07 -0.36 15.88
CA ALA A 208 -16.74 -0.93 16.19
C ALA A 208 -16.06 -0.21 17.37
N LEU A 209 -16.48 1.02 17.71
CA LEU A 209 -15.80 1.92 18.69
C LEU A 209 -16.41 1.79 20.08
N SER A 210 -15.59 1.85 21.13
CA SER A 210 -16.07 2.10 22.51
C SER A 210 -16.91 3.38 22.53
N THR A 211 -18.04 3.35 23.23
CA THR A 211 -18.89 4.56 23.41
C THR A 211 -18.80 5.04 24.86
N ARG A 212 -17.68 4.76 25.56
CA ARG A 212 -17.51 5.19 26.97
C ARG A 212 -17.15 6.69 27.05
N ASN A 213 -18.01 7.57 26.57
CA ASN A 213 -17.70 9.01 26.40
C ASN A 213 -17.47 9.66 27.76
N ASP A 214 -18.10 9.14 28.81
CA ASP A 214 -18.04 9.75 30.15
C ASP A 214 -16.81 9.26 30.91
N GLU A 215 -15.99 8.38 30.34
CA GLU A 215 -14.74 7.98 31.04
C GLU A 215 -13.72 7.55 30.00
N PRO A 216 -13.25 8.47 29.14
CA PRO A 216 -12.40 8.05 28.00
C PRO A 216 -11.10 7.32 28.35
N THR A 217 -10.47 7.58 29.51
CA THR A 217 -9.18 6.94 29.84
C THR A 217 -9.42 5.45 30.16
N ARG A 218 -10.65 5.07 30.50
CA ARG A 218 -10.98 3.67 30.86
C ARG A 218 -11.63 2.92 29.68
N ALA A 219 -11.80 3.55 28.52
CA ALA A 219 -12.52 2.97 27.35
C ALA A 219 -11.75 1.77 26.79
N SER A 220 -10.46 1.96 26.57
CA SER A 220 -9.55 0.94 26.01
C SER A 220 -9.13 -0.01 27.13
N ARG A 221 -9.66 -1.22 27.10
CA ARG A 221 -9.55 -2.18 28.24
C ARG A 221 -9.41 -3.57 27.64
N PRO A 222 -8.29 -3.84 26.93
CA PRO A 222 -8.07 -5.12 26.28
C PRO A 222 -8.19 -6.30 27.27
N TRP A 223 -8.99 -7.30 26.87
CA TRP A 223 -9.24 -8.58 27.61
C TRP A 223 -10.10 -8.33 28.86
N ASP A 224 -10.51 -7.09 29.14
CA ASP A 224 -11.42 -6.78 30.26
C ASP A 224 -12.83 -7.22 29.88
N ARG A 225 -13.58 -7.85 30.79
CA ARG A 225 -14.97 -8.32 30.48
C ARG A 225 -15.89 -7.15 30.12
N ASP A 226 -15.55 -5.90 30.46
CA ASP A 226 -16.44 -4.72 30.22
C ASP A 226 -15.99 -3.92 28.97
N ARG A 227 -15.12 -4.47 28.12
CA ARG A 227 -14.67 -3.82 26.86
C ARG A 227 -15.84 -3.74 25.87
N ASP A 228 -15.88 -2.72 25.02
CA ASP A 228 -17.03 -2.44 24.12
C ASP A 228 -16.54 -1.86 22.80
N GLY A 229 -15.31 -2.16 22.39
CA GLY A 229 -14.75 -1.71 21.09
C GLY A 229 -13.46 -0.91 21.22
N PHE A 230 -12.87 -0.61 20.07
CA PHE A 230 -11.53 0.03 20.06
C PHE A 230 -11.73 1.53 20.24
N VAL A 231 -10.63 2.16 20.58
CA VAL A 231 -10.49 3.62 20.72
C VAL A 231 -9.63 4.08 19.55
N LEU A 232 -10.13 5.05 18.79
CA LEU A 232 -9.48 5.59 17.57
C LEU A 232 -8.40 6.60 17.99
N SER A 233 -7.18 6.42 17.49
CA SER A 233 -6.00 7.21 17.87
C SER A 233 -5.19 7.53 16.61
N ASP A 234 -4.43 8.61 16.74
CA ASP A 234 -3.68 9.28 15.65
C ASP A 234 -2.19 9.16 15.97
N GLY A 235 -1.38 9.17 14.92
CA GLY A 235 0.06 9.38 15.10
C GLY A 235 0.84 8.64 14.06
N SER A 236 2.07 8.27 14.41
N SER A 236 2.11 8.34 14.36
CA SER A 236 3.10 7.77 13.46
CA SER A 236 3.07 7.72 13.42
C SER A 236 4.22 7.08 14.23
C SER A 236 4.22 7.08 14.20
N GLY A 237 4.76 6.00 13.64
CA GLY A 237 6.01 5.37 14.05
C GLY A 237 6.86 5.18 12.81
N ALA A 238 8.16 5.37 12.95
CA ALA A 238 9.14 5.15 11.88
C ALA A 238 10.37 4.51 12.50
N LEU A 239 10.94 3.54 11.83
CA LEU A 239 12.20 2.87 12.22
C LEU A 239 13.15 2.97 11.04
N VAL A 240 14.42 3.18 11.36
CA VAL A 240 15.50 2.97 10.39
C VAL A 240 15.97 1.53 10.52
N LEU A 241 15.73 0.75 9.48
CA LEU A 241 16.17 -0.65 9.33
C LEU A 241 17.45 -0.58 8.51
N GLU A 242 18.45 -1.37 8.87
CA GLU A 242 19.79 -1.27 8.26
C GLU A 242 20.42 -2.67 8.18
N GLU A 243 21.04 -3.01 7.06
CA GLU A 243 21.82 -4.27 6.98
C GLU A 243 22.87 -4.24 8.10
N LEU A 244 23.07 -5.37 8.79
CA LEU A 244 23.93 -5.50 9.99
C LEU A 244 25.36 -5.01 9.70
N GLU A 245 25.98 -5.52 8.63
CA GLU A 245 27.40 -5.20 8.29
C GLU A 245 27.51 -3.72 7.94
N HIS A 246 26.51 -3.14 7.26
CA HIS A 246 26.44 -1.67 6.99
C HIS A 246 26.41 -0.92 8.33
N ALA A 247 25.62 -1.40 9.31
CA ALA A 247 25.49 -0.74 10.62
C ALA A 247 26.83 -0.82 11.36
N ARG A 248 27.43 -2.01 11.38
CA ARG A 248 28.70 -2.29 12.12
C ARG A 248 29.80 -1.40 11.55
N ALA A 249 29.86 -1.32 10.22
CA ALA A 249 30.88 -0.57 9.44
C ALA A 249 30.86 0.90 9.85
N ARG A 250 29.70 1.52 10.04
CA ARG A 250 29.65 2.98 10.34
C ARG A 250 29.59 3.21 11.85
N GLY A 251 29.72 2.19 12.68
CA GLY A 251 29.65 2.33 14.15
C GLY A 251 28.26 2.74 14.62
N ALA A 252 27.20 2.26 13.98
CA ALA A 252 25.83 2.68 14.37
C ALA A 252 25.54 2.09 15.75
N ARG A 253 24.79 2.82 16.56
CA ARG A 253 24.12 2.26 17.76
C ARG A 253 23.00 1.34 17.26
N ILE A 254 23.01 0.08 17.69
CA ILE A 254 21.98 -0.90 17.26
C ILE A 254 21.02 -1.14 18.44
N TYR A 255 19.74 -0.87 18.27
CA TYR A 255 18.74 -1.06 19.36
C TYR A 255 18.44 -2.54 19.56
N ALA A 256 18.31 -3.28 18.46
CA ALA A 256 17.86 -4.69 18.44
C ALA A 256 17.96 -5.19 17.00
N GLU A 257 17.90 -6.52 16.82
CA GLU A 257 17.85 -7.17 15.51
C GLU A 257 16.41 -7.58 15.19
N LEU A 258 15.99 -7.38 13.93
N LEU A 258 16.03 -7.43 13.92
CA LEU A 258 14.71 -7.91 13.39
CA LEU A 258 14.73 -7.90 13.37
C LEU A 258 14.99 -9.28 12.75
C LEU A 258 14.97 -9.28 12.73
N VAL A 259 14.59 -10.35 13.43
CA VAL A 259 14.97 -11.76 13.06
C VAL A 259 13.85 -12.49 12.32
N GLY A 260 12.60 -12.03 12.44
CA GLY A 260 11.44 -12.77 11.93
C GLY A 260 10.31 -11.87 11.48
N PHE A 261 9.67 -12.29 10.40
CA PHE A 261 8.46 -11.66 9.84
C PHE A 261 7.54 -12.74 9.30
N GLY A 262 6.28 -12.66 9.71
CA GLY A 262 5.21 -13.52 9.22
C GLY A 262 4.06 -12.70 8.70
N MET A 263 3.46 -13.21 7.66
CA MET A 263 2.17 -12.75 7.12
C MET A 263 1.34 -14.01 6.92
N SER A 264 0.04 -13.86 7.07
CA SER A 264 -0.93 -14.90 6.70
C SER A 264 -2.24 -14.17 6.49
N GLY A 265 -3.08 -14.67 5.59
CA GLY A 265 -4.49 -14.28 5.53
C GLY A 265 -5.35 -15.27 6.30
N ASP A 266 -6.33 -14.78 7.05
CA ASP A 266 -7.38 -15.59 7.72
C ASP A 266 -8.22 -16.31 6.66
N ALA A 267 -8.57 -15.58 5.59
CA ALA A 267 -9.56 -16.01 4.59
C ALA A 267 -10.86 -16.34 5.31
N PHE A 268 -11.18 -15.62 6.39
CA PHE A 268 -12.35 -15.89 7.25
C PHE A 268 -13.49 -14.90 6.98
N HIS A 269 -13.31 -13.61 7.28
CA HIS A 269 -14.39 -12.60 7.29
C HIS A 269 -13.80 -11.22 7.00
N MET A 270 -14.57 -10.34 6.36
CA MET A 270 -14.08 -9.00 5.93
C MET A 270 -13.59 -8.21 7.14
N THR A 271 -14.25 -8.34 8.29
CA THR A 271 -14.02 -7.47 9.47
C THR A 271 -13.72 -8.26 10.75
N ALA A 272 -14.28 -9.45 10.92
CA ALA A 272 -14.22 -10.22 12.18
C ALA A 272 -13.06 -11.22 12.10
N PRO A 273 -12.29 -11.36 13.20
CA PRO A 273 -11.26 -12.40 13.27
C PRO A 273 -11.92 -13.71 13.64
N PRO A 274 -11.40 -14.87 13.22
CA PRO A 274 -11.98 -16.13 13.68
C PRO A 274 -11.76 -16.28 15.20
N GLU A 275 -12.77 -16.76 15.93
CA GLU A 275 -12.76 -16.90 17.42
C GLU A 275 -11.54 -17.69 17.94
N ASP A 276 -11.05 -18.66 17.17
CA ASP A 276 -9.93 -19.57 17.58
C ASP A 276 -8.55 -18.96 17.26
N GLY A 277 -8.50 -17.79 16.62
CA GLY A 277 -7.23 -17.14 16.24
C GLY A 277 -6.39 -17.92 15.24
N ALA A 278 -7.01 -18.74 14.37
CA ALA A 278 -6.29 -19.65 13.43
C ALA A 278 -5.33 -18.85 12.53
N GLY A 279 -5.76 -17.69 12.02
CA GLY A 279 -4.95 -16.84 11.12
C GLY A 279 -3.76 -16.21 11.83
N ALA A 280 -4.01 -15.69 13.03
CA ALA A 280 -2.96 -15.16 13.94
C ALA A 280 -1.96 -16.25 14.33
N ALA A 281 -2.43 -17.48 14.58
CA ALA A 281 -1.54 -18.60 14.94
C ALA A 281 -0.63 -18.92 13.74
N ARG A 282 -1.20 -19.03 12.55
CA ARG A 282 -0.44 -19.36 11.31
C ARG A 282 0.65 -18.30 11.11
N CYS A 283 0.27 -17.03 11.27
CA CYS A 283 1.19 -15.87 11.10
C CYS A 283 2.35 -15.93 12.10
N MET A 284 2.07 -16.14 13.39
CA MET A 284 3.14 -16.20 14.42
C MET A 284 4.09 -17.38 14.17
N LYS A 285 3.54 -18.54 13.80
CA LYS A 285 4.36 -19.74 13.49
C LYS A 285 5.26 -19.47 12.28
N ASN A 286 4.73 -18.86 11.22
CA ASN A 286 5.57 -18.38 10.07
C ASN A 286 6.71 -17.51 10.58
N ALA A 287 6.40 -16.50 11.41
CA ALA A 287 7.41 -15.54 11.93
C ALA A 287 8.44 -16.29 12.79
N LEU A 288 8.05 -17.26 13.63
CA LEU A 288 8.99 -17.92 14.55
C LEU A 288 9.91 -18.82 13.72
N ARG A 289 9.36 -19.50 12.73
CA ARG A 289 10.13 -20.38 11.81
C ARG A 289 11.12 -19.51 11.03
N ASP A 290 10.65 -18.37 10.49
CA ASP A 290 11.47 -17.34 9.80
C ASP A 290 12.65 -16.93 10.67
N ALA A 291 12.44 -16.79 11.98
CA ALA A 291 13.49 -16.37 12.92
C ALA A 291 14.38 -17.54 13.40
N GLY A 292 14.09 -18.81 13.04
CA GLY A 292 14.87 -19.97 13.50
C GLY A 292 14.77 -20.17 15.00
N LEU A 293 13.61 -19.88 15.58
CA LEU A 293 13.42 -19.93 17.04
C LEU A 293 12.65 -21.19 17.45
N ASP A 294 12.95 -21.63 18.66
CA ASP A 294 12.05 -22.37 19.56
C ASP A 294 11.01 -21.39 20.10
N PRO A 295 9.68 -21.64 20.01
CA PRO A 295 8.69 -20.71 20.54
C PRO A 295 8.94 -20.39 22.02
N ARG A 296 9.53 -21.34 22.77
CA ARG A 296 9.86 -21.13 24.20
C ARG A 296 10.87 -19.97 24.38
N GLN A 297 11.53 -19.49 23.31
CA GLN A 297 12.44 -18.32 23.43
C GLN A 297 11.61 -17.03 23.59
N VAL A 298 10.34 -17.02 23.22
CA VAL A 298 9.54 -15.76 23.24
C VAL A 298 9.30 -15.34 24.71
N ASP A 299 9.79 -14.15 25.08
CA ASP A 299 9.64 -13.59 26.44
C ASP A 299 8.46 -12.62 26.49
N TYR A 300 8.26 -11.80 25.46
CA TYR A 300 7.29 -10.68 25.50
C TYR A 300 6.53 -10.62 24.18
N ILE A 301 5.21 -10.43 24.28
CA ILE A 301 4.36 -10.20 23.09
C ILE A 301 3.66 -8.86 23.28
N ASN A 302 3.93 -7.91 22.39
CA ASN A 302 3.08 -6.71 22.23
C ASN A 302 1.90 -7.17 21.36
N ALA A 303 0.78 -7.40 22.01
CA ALA A 303 -0.44 -7.92 21.36
C ALA A 303 -1.02 -6.87 20.42
N HIS A 304 -1.84 -7.27 19.46
CA HIS A 304 -2.69 -6.29 18.75
C HIS A 304 -3.59 -5.64 19.81
N GLY A 305 -4.32 -6.47 20.56
CA GLY A 305 -5.10 -6.10 21.76
C GLY A 305 -5.94 -4.84 21.55
N THR A 306 -6.94 -4.87 20.67
CA THR A 306 -7.69 -3.67 20.26
C THR A 306 -8.79 -3.27 21.28
N SER A 307 -9.18 -4.18 22.18
CA SER A 307 -10.31 -3.97 23.11
C SER A 307 -11.64 -4.21 22.38
N THR A 308 -11.65 -5.05 21.35
CA THR A 308 -12.90 -5.59 20.77
C THR A 308 -13.19 -6.92 21.46
N PRO A 309 -14.48 -7.26 21.62
CA PRO A 309 -14.88 -8.57 22.15
C PRO A 309 -14.21 -9.73 21.41
N ALA A 310 -14.34 -9.82 20.09
CA ALA A 310 -13.90 -11.02 19.34
C ALA A 310 -12.36 -11.00 19.15
N GLY A 311 -11.78 -9.84 18.85
CA GLY A 311 -10.33 -9.73 18.57
C GLY A 311 -9.48 -10.14 19.76
N ASP A 312 -9.78 -9.64 20.96
CA ASP A 312 -8.95 -9.88 22.17
C ASP A 312 -8.96 -11.38 22.49
N ILE A 313 -10.12 -12.03 22.46
CA ILE A 313 -10.22 -13.47 22.83
C ILE A 313 -9.53 -14.31 21.74
N ALA A 314 -9.65 -13.96 20.46
CA ALA A 314 -8.98 -14.66 19.34
C ALA A 314 -7.47 -14.72 19.59
N GLU A 315 -6.89 -13.63 20.11
CA GLU A 315 -5.44 -13.49 20.35
C GLU A 315 -5.00 -14.39 21.48
N ILE A 316 -5.80 -14.50 22.53
CA ILE A 316 -5.51 -15.46 23.62
C ILE A 316 -5.45 -16.87 23.03
N ALA A 317 -6.47 -17.25 22.25
CA ALA A 317 -6.60 -18.59 21.63
C ALA A 317 -5.35 -18.84 20.76
N ALA A 318 -4.95 -17.87 19.95
CA ALA A 318 -3.79 -18.00 19.03
C ALA A 318 -2.51 -18.21 19.83
N VAL A 319 -2.27 -17.37 20.83
CA VAL A 319 -1.05 -17.49 21.70
C VAL A 319 -1.02 -18.87 22.39
N LYS A 320 -2.14 -19.31 22.96
CA LYS A 320 -2.22 -20.64 23.63
C LYS A 320 -1.89 -21.75 22.61
N SER A 321 -2.41 -21.65 21.40
CA SER A 321 -2.23 -22.69 20.36
C SER A 321 -0.75 -22.69 19.88
N VAL A 322 -0.09 -21.54 19.76
CA VAL A 322 1.30 -21.44 19.26
C VAL A 322 2.28 -21.84 20.37
N PHE A 323 2.04 -21.42 21.60
CA PHE A 323 3.07 -21.51 22.67
C PHE A 323 2.77 -22.64 23.65
N GLY A 324 1.57 -23.23 23.62
CA GLY A 324 1.18 -24.30 24.56
C GLY A 324 1.51 -23.89 25.98
N GLU A 325 2.21 -24.74 26.74
CA GLU A 325 2.49 -24.51 28.18
C GLU A 325 3.31 -23.21 28.33
N HIS A 326 4.17 -22.90 27.37
CA HIS A 326 5.01 -21.67 27.43
C HIS A 326 4.14 -20.41 27.37
N ALA A 327 2.88 -20.53 26.95
CA ALA A 327 1.93 -19.38 26.91
C ALA A 327 1.80 -18.77 28.31
N HIS A 328 2.00 -19.59 29.36
CA HIS A 328 1.89 -19.20 30.79
C HIS A 328 3.19 -18.60 31.31
N ALA A 329 4.29 -18.59 30.56
CA ALA A 329 5.60 -18.12 31.07
C ALA A 329 5.96 -16.76 30.45
N LEU A 330 5.62 -16.52 29.18
CA LEU A 330 5.82 -15.22 28.53
C LEU A 330 4.88 -14.18 29.15
N SER A 331 5.15 -12.90 28.89
CA SER A 331 4.29 -11.73 29.19
C SER A 331 3.72 -11.21 27.89
N MET A 332 2.44 -10.89 27.89
CA MET A 332 1.75 -10.30 26.73
C MET A 332 0.98 -9.08 27.22
N SER A 333 1.18 -7.93 26.59
CA SER A 333 0.41 -6.72 26.96
C SER A 333 -0.05 -5.98 25.72
N SER A 334 -1.12 -5.22 25.88
CA SER A 334 -1.63 -4.31 24.85
C SER A 334 -1.35 -2.87 25.29
N THR A 335 -0.43 -2.22 24.59
CA THR A 335 -0.15 -0.78 24.83
C THR A 335 -1.31 0.05 24.30
N LYS A 336 -2.21 -0.54 23.51
CA LYS A 336 -3.46 0.13 23.07
C LYS A 336 -4.34 0.44 24.29
N SER A 337 -4.15 -0.24 25.41
CA SER A 337 -4.79 0.13 26.71
C SER A 337 -4.52 1.62 26.99
N MET A 338 -3.35 2.15 26.58
CA MET A 338 -2.91 3.54 26.87
C MET A 338 -2.99 4.45 25.64
N THR A 339 -2.59 3.97 24.46
CA THR A 339 -2.42 4.80 23.23
C THR A 339 -3.72 4.79 22.42
N GLY A 340 -4.60 3.81 22.65
CA GLY A 340 -5.67 3.52 21.70
C GLY A 340 -5.10 2.94 20.42
N HIS A 341 -5.94 2.83 19.41
CA HIS A 341 -5.70 2.06 18.17
C HIS A 341 -5.31 3.06 17.08
N LEU A 342 -4.03 3.08 16.71
CA LEU A 342 -3.49 4.05 15.72
C LEU A 342 -3.67 3.47 14.31
N LEU A 343 -4.43 2.38 14.19
CA LEU A 343 -4.85 1.81 12.90
C LEU A 343 -3.56 1.49 12.11
N GLY A 344 -3.35 2.07 10.93
CA GLY A 344 -2.17 1.78 10.08
C GLY A 344 -0.85 2.09 10.77
N ALA A 345 -0.85 2.97 11.78
CA ALA A 345 0.37 3.31 12.55
C ALA A 345 0.53 2.39 13.78
N ALA A 346 -0.50 1.63 14.15
CA ALA A 346 -0.49 0.75 15.34
C ALA A 346 0.77 -0.14 15.36
N GLY A 347 1.05 -0.80 14.24
CA GLY A 347 2.13 -1.80 14.17
C GLY A 347 3.46 -1.09 14.24
N ALA A 348 3.50 0.17 13.83
CA ALA A 348 4.77 0.93 13.79
C ALA A 348 5.13 1.38 15.22
N VAL A 349 4.20 2.00 15.95
CA VAL A 349 4.52 2.46 17.34
C VAL A 349 4.78 1.23 18.21
N GLU A 350 4.05 0.13 17.98
CA GLU A 350 4.12 -1.07 18.82
C GLU A 350 5.42 -1.80 18.53
N ALA A 351 5.90 -1.77 17.28
CA ALA A 351 7.26 -2.29 16.97
C ALA A 351 8.28 -1.50 17.81
N ILE A 352 8.09 -0.18 17.93
CA ILE A 352 9.04 0.65 18.72
C ILE A 352 8.93 0.24 20.20
N PHE A 353 7.73 0.06 20.72
CA PHE A 353 7.54 -0.30 22.15
C PHE A 353 8.19 -1.67 22.38
N SER A 354 8.09 -2.59 21.41
CA SER A 354 8.68 -3.96 21.48
C SER A 354 10.22 -3.84 21.53
N VAL A 355 10.81 -2.95 20.73
CA VAL A 355 12.29 -2.75 20.76
C VAL A 355 12.70 -2.15 22.11
N LEU A 356 11.89 -1.24 22.65
CA LEU A 356 12.22 -0.56 23.92
C LEU A 356 12.01 -1.53 25.09
N ALA A 357 11.05 -2.45 24.98
CA ALA A 357 10.89 -3.56 25.93
C ALA A 357 12.22 -4.34 25.99
N LEU A 358 12.84 -4.58 24.83
CA LEU A 358 14.17 -5.26 24.77
C LEU A 358 15.26 -4.37 25.38
N ARG A 359 15.35 -3.09 25.00
CA ARG A 359 16.42 -2.19 25.52
C ARG A 359 16.35 -2.12 27.06
N ASP A 360 15.14 -1.99 27.62
CA ASP A 360 14.94 -1.64 29.05
C ASP A 360 14.60 -2.86 29.92
N GLN A 361 14.33 -4.02 29.32
CA GLN A 361 14.01 -5.28 30.05
C GLN A 361 12.77 -5.03 30.93
N VAL A 362 11.71 -4.56 30.29
CA VAL A 362 10.42 -4.32 30.99
C VAL A 362 9.30 -4.62 30.00
N ALA A 363 8.29 -5.35 30.48
CA ALA A 363 6.99 -5.50 29.80
C ALA A 363 6.11 -4.32 30.17
N PRO A 364 5.66 -3.54 29.17
CA PRO A 364 4.65 -2.51 29.40
C PRO A 364 3.34 -3.09 29.91
N PRO A 365 2.57 -2.30 30.70
CA PRO A 365 1.29 -2.78 31.23
C PRO A 365 0.17 -2.80 30.20
N THR A 366 -0.83 -3.65 30.44
CA THR A 366 -2.19 -3.48 29.88
C THR A 366 -2.95 -2.76 31.00
N ILE A 367 -3.11 -1.45 30.92
CA ILE A 367 -3.93 -0.73 31.94
C ILE A 367 -5.40 -1.10 31.74
N ASN A 368 -6.20 -0.86 32.78
CA ASN A 368 -7.68 -0.98 32.74
C ASN A 368 -8.12 -2.44 32.78
N LEU A 369 -7.21 -3.38 32.95
CA LEU A 369 -7.55 -4.82 32.97
C LEU A 369 -8.00 -5.20 34.39
N ASP A 370 -9.21 -4.77 34.76
CA ASP A 370 -9.75 -4.88 36.14
C ASP A 370 -10.32 -6.29 36.34
N ASN A 371 -11.02 -6.82 35.35
CA ASN A 371 -11.69 -8.15 35.42
C ASN A 371 -11.43 -8.87 34.10
N PRO A 372 -10.32 -9.65 34.02
CA PRO A 372 -10.00 -10.40 32.81
C PRO A 372 -11.18 -11.29 32.42
N ASP A 373 -11.45 -11.40 31.11
CA ASP A 373 -12.64 -12.12 30.62
C ASP A 373 -12.39 -13.63 30.71
N GLU A 374 -13.44 -14.41 30.46
CA GLU A 374 -13.38 -15.90 30.40
C GLU A 374 -12.18 -16.28 29.51
N GLY A 375 -11.26 -17.08 30.06
CA GLY A 375 -10.12 -17.67 29.33
C GLY A 375 -8.92 -16.73 29.19
N CYS A 376 -9.01 -15.46 29.60
CA CYS A 376 -7.92 -14.45 29.49
C CYS A 376 -7.01 -14.55 30.73
N ASP A 377 -6.36 -15.70 30.91
CA ASP A 377 -5.71 -16.12 32.19
C ASP A 377 -4.20 -16.24 31.98
N LEU A 378 -3.66 -15.57 30.95
CA LEU A 378 -2.19 -15.46 30.73
C LEU A 378 -1.60 -14.31 31.56
N ASP A 379 -0.28 -14.20 31.61
CA ASP A 379 0.35 -12.98 32.14
C ASP A 379 0.09 -11.83 31.15
N LEU A 380 -0.93 -11.02 31.40
CA LEU A 380 -1.30 -9.86 30.56
C LEU A 380 -0.76 -8.55 31.14
N VAL A 381 0.17 -8.63 32.09
CA VAL A 381 0.86 -7.47 32.72
C VAL A 381 -0.20 -6.43 33.11
N ALA A 382 -1.25 -6.83 33.78
CA ALA A 382 -2.35 -5.94 34.25
C ALA A 382 -1.78 -4.77 35.07
N HIS A 383 -2.24 -3.56 34.77
CA HIS A 383 -2.11 -2.34 35.63
C HIS A 383 -0.70 -1.73 35.60
N GLU A 384 0.37 -2.51 35.78
CA GLU A 384 1.72 -1.97 36.09
C GLU A 384 2.80 -2.65 35.24
N ALA A 385 3.78 -1.85 34.79
CA ALA A 385 4.94 -2.32 34.02
C ALA A 385 5.62 -3.43 34.82
N LYS A 386 6.14 -4.45 34.14
CA LYS A 386 6.78 -5.62 34.79
C LYS A 386 8.22 -5.75 34.30
N PRO A 387 9.21 -5.35 35.11
CA PRO A 387 10.61 -5.61 34.77
C PRO A 387 10.79 -7.12 34.66
N ARG A 388 11.51 -7.60 33.64
CA ARG A 388 11.66 -9.07 33.42
C ARG A 388 12.71 -9.26 32.34
N LYS A 389 13.22 -10.49 32.25
CA LYS A 389 14.17 -10.88 31.20
C LYS A 389 13.39 -10.95 29.87
N ILE A 390 13.85 -10.21 28.88
CA ILE A 390 13.30 -10.26 27.49
C ILE A 390 14.47 -10.35 26.52
N ASP A 391 14.68 -11.53 25.95
CA ASP A 391 15.65 -11.73 24.83
C ASP A 391 14.91 -11.60 23.49
N VAL A 392 13.65 -12.04 23.43
CA VAL A 392 12.87 -12.15 22.16
C VAL A 392 11.51 -11.51 22.43
N ALA A 393 11.16 -10.50 21.64
CA ALA A 393 9.86 -9.84 21.69
C ALA A 393 9.17 -10.02 20.34
N LEU A 394 7.86 -10.20 20.39
N LEU A 394 7.88 -10.37 20.39
CA LEU A 394 6.99 -10.38 19.21
CA LEU A 394 6.96 -10.37 19.22
C LEU A 394 5.90 -9.29 19.23
C LEU A 394 6.11 -9.10 19.26
N SER A 395 5.63 -8.67 18.09
CA SER A 395 4.59 -7.64 17.94
C SER A 395 3.59 -8.14 16.89
N ASN A 396 2.31 -8.24 17.27
CA ASN A 396 1.25 -8.80 16.37
C ASN A 396 0.34 -7.69 15.90
N SER A 397 -0.11 -7.80 14.67
CA SER A 397 -1.20 -6.96 14.12
C SER A 397 -2.11 -7.86 13.29
N PHE A 398 -3.41 -7.57 13.35
N PHE A 398 -3.42 -7.65 13.39
CA PHE A 398 -4.49 -8.20 12.56
CA PHE A 398 -4.42 -8.21 12.45
C PHE A 398 -5.37 -7.08 11.97
C PHE A 398 -5.26 -7.05 11.91
N GLY A 399 -5.94 -7.27 10.78
CA GLY A 399 -6.65 -6.19 10.10
C GLY A 399 -7.82 -6.69 9.35
N PHE A 400 -8.67 -5.75 8.92
CA PHE A 400 -9.74 -6.00 7.92
C PHE A 400 -9.16 -6.77 6.75
N GLY A 401 -9.98 -7.64 6.15
CA GLY A 401 -9.59 -8.53 5.04
C GLY A 401 -8.89 -9.77 5.53
N GLY A 402 -8.83 -9.98 6.85
CA GLY A 402 -8.20 -11.16 7.47
C GLY A 402 -6.69 -11.11 7.33
N THR A 403 -6.11 -9.91 7.36
N THR A 403 -6.16 -9.88 7.29
CA THR A 403 -4.66 -9.68 7.07
CA THR A 403 -4.72 -9.60 7.17
C THR A 403 -3.88 -9.61 8.39
C THR A 403 -4.08 -9.90 8.53
N ASN A 404 -2.87 -10.46 8.52
CA ASN A 404 -2.11 -10.71 9.78
C ASN A 404 -0.62 -10.39 9.55
N GLY A 405 0.03 -9.81 10.54
CA GLY A 405 1.50 -9.64 10.54
C GLY A 405 2.09 -9.87 11.90
N THR A 406 3.28 -10.42 11.93
CA THR A 406 4.05 -10.68 13.15
C THR A 406 5.48 -10.25 12.87
N LEU A 407 6.04 -9.43 13.76
CA LEU A 407 7.47 -9.11 13.76
C LEU A 407 8.12 -9.76 14.97
N VAL A 408 9.33 -10.30 14.78
CA VAL A 408 10.15 -10.91 15.88
C VAL A 408 11.47 -10.13 15.98
N PHE A 409 11.68 -9.55 17.14
CA PHE A 409 12.89 -8.78 17.51
C PHE A 409 13.64 -9.57 18.58
N ARG A 410 14.96 -9.45 18.61
CA ARG A 410 15.77 -9.96 19.73
C ARG A 410 16.92 -9.00 20.02
N ARG A 411 17.43 -9.08 21.24
CA ARG A 411 18.61 -8.34 21.70
C ARG A 411 19.77 -8.66 20.75
N PHE A 412 20.55 -7.64 20.44
CA PHE A 412 21.78 -7.78 19.63
C PHE A 412 22.98 -7.49 20.53
N ALA A 413 24.00 -8.34 20.53
CA ALA A 413 25.23 -8.22 21.36
C ALA A 413 26.43 -7.90 20.47
N SER B 2 20.32 -18.38 -4.07
CA SER B 2 19.69 -18.44 -5.42
C SER B 2 18.17 -18.22 -5.32
N ARG B 3 17.49 -18.26 -6.47
CA ARG B 3 16.17 -17.60 -6.68
C ARG B 3 15.28 -18.47 -7.56
N ARG B 4 13.99 -18.55 -7.27
CA ARG B 4 13.04 -19.35 -8.11
C ARG B 4 12.56 -18.50 -9.28
N ARG B 5 12.20 -19.16 -10.35
CA ARG B 5 11.68 -18.50 -11.57
C ARG B 5 10.18 -18.29 -11.38
N VAL B 6 9.68 -17.18 -11.93
CA VAL B 6 8.25 -16.77 -11.83
C VAL B 6 7.66 -16.63 -13.23
N VAL B 7 6.55 -17.29 -13.48
CA VAL B 7 5.86 -17.22 -14.80
C VAL B 7 4.45 -16.68 -14.61
N ILE B 8 3.86 -16.16 -15.70
CA ILE B 8 2.45 -15.70 -15.76
C ILE B 8 1.56 -16.80 -16.35
N THR B 9 0.56 -17.27 -15.59
CA THR B 9 -0.30 -18.40 -16.02
C THR B 9 -1.77 -17.98 -16.14
N GLY B 10 -2.13 -16.76 -15.69
CA GLY B 10 -3.51 -16.26 -15.72
C GLY B 10 -3.55 -14.73 -15.82
N MET B 11 -4.45 -14.18 -16.62
CA MET B 11 -4.62 -12.72 -16.72
C MET B 11 -6.09 -12.39 -16.77
N GLY B 12 -6.43 -11.24 -16.20
CA GLY B 12 -7.80 -10.71 -16.04
C GLY B 12 -7.79 -9.20 -16.14
N MET B 13 -8.85 -8.61 -16.67
CA MET B 13 -8.85 -7.14 -16.93
C MET B 13 -10.27 -6.62 -17.07
N LEU B 14 -10.48 -5.39 -16.58
CA LEU B 14 -11.55 -4.47 -17.02
C LEU B 14 -10.82 -3.23 -17.54
N SER B 15 -11.20 -2.74 -18.71
CA SER B 15 -10.60 -1.49 -19.21
C SER B 15 -11.63 -0.72 -20.01
N PRO B 16 -11.27 0.50 -20.41
CA PRO B 16 -12.11 1.30 -21.29
C PRO B 16 -12.31 0.65 -22.68
N LEU B 17 -11.50 -0.35 -23.03
CA LEU B 17 -11.61 -1.06 -24.32
C LEU B 17 -12.46 -2.32 -24.24
N GLY B 18 -12.80 -2.80 -23.03
CA GLY B 18 -13.43 -4.13 -22.93
C GLY B 18 -13.53 -4.67 -21.51
N LEU B 19 -14.34 -5.71 -21.35
CA LEU B 19 -14.66 -6.31 -20.03
C LEU B 19 -13.80 -7.56 -19.79
N ASP B 20 -12.76 -7.78 -20.60
CA ASP B 20 -11.83 -8.92 -20.38
C ASP B 20 -10.54 -8.65 -21.16
N VAL B 21 -9.59 -9.57 -21.08
CA VAL B 21 -8.27 -9.36 -21.75
C VAL B 21 -8.45 -9.39 -23.27
N PRO B 22 -9.02 -10.46 -23.87
CA PRO B 22 -9.03 -10.59 -25.33
C PRO B 22 -9.75 -9.44 -26.02
N SER B 23 -10.89 -8.97 -25.50
CA SER B 23 -11.63 -7.81 -26.07
C SER B 23 -10.78 -6.54 -25.92
N SER B 24 -10.13 -6.32 -24.77
CA SER B 24 -9.28 -5.13 -24.57
C SER B 24 -8.12 -5.17 -25.57
N TRP B 25 -7.45 -6.32 -25.68
CA TRP B 25 -6.26 -6.51 -26.55
C TRP B 25 -6.63 -6.33 -28.03
N GLU B 26 -7.80 -6.80 -28.42
CA GLU B 26 -8.33 -6.59 -29.79
C GLU B 26 -8.42 -5.10 -30.08
N GLY B 27 -8.97 -4.30 -29.16
CA GLY B 27 -9.01 -2.83 -29.29
C GLY B 27 -7.63 -2.23 -29.41
N ILE B 28 -6.70 -2.68 -28.57
CA ILE B 28 -5.30 -2.20 -28.55
C ILE B 28 -4.67 -2.37 -29.93
N LEU B 29 -4.75 -3.56 -30.50
CA LEU B 29 -4.08 -3.84 -31.79
C LEU B 29 -4.82 -3.13 -32.93
N ALA B 30 -6.10 -2.80 -32.76
CA ALA B 30 -6.88 -2.04 -33.77
C ALA B 30 -6.68 -0.53 -33.61
N GLY B 31 -5.99 -0.05 -32.59
CA GLY B 31 -5.81 1.40 -32.37
C GLY B 31 -7.10 2.08 -31.96
N ARG B 32 -8.00 1.36 -31.33
CA ARG B 32 -9.31 1.92 -30.93
C ARG B 32 -9.12 2.71 -29.62
N SER B 33 -9.77 3.85 -29.49
CA SER B 33 -9.85 4.65 -28.24
C SER B 33 -11.01 4.15 -27.37
N GLY B 34 -10.79 4.09 -26.07
CA GLY B 34 -11.85 3.82 -25.08
C GLY B 34 -12.36 5.11 -24.47
N ILE B 35 -11.91 6.28 -24.97
CA ILE B 35 -12.18 7.60 -24.32
C ILE B 35 -13.47 8.21 -24.88
N ALA B 36 -14.29 8.78 -23.99
CA ALA B 36 -15.62 9.34 -24.34
C ALA B 36 -16.09 10.27 -23.22
N PRO B 37 -17.04 11.19 -23.49
CA PRO B 37 -17.61 12.00 -22.43
C PRO B 37 -18.16 11.08 -21.35
N ILE B 38 -17.98 11.49 -20.10
CA ILE B 38 -18.41 10.69 -18.93
C ILE B 38 -19.92 10.89 -18.77
N GLU B 39 -20.66 9.80 -18.59
CA GLU B 39 -22.14 9.87 -18.56
C GLU B 39 -22.65 9.74 -17.12
N HIS B 40 -23.95 10.00 -16.95
CA HIS B 40 -24.73 9.86 -15.68
C HIS B 40 -23.98 10.60 -14.56
N MET B 41 -23.52 11.82 -14.85
CA MET B 41 -22.70 12.63 -13.94
C MET B 41 -22.66 14.08 -14.44
N ASP B 42 -23.02 15.07 -13.61
CA ASP B 42 -23.08 16.50 -14.05
C ASP B 42 -21.67 17.06 -13.96
N LEU B 43 -20.97 17.16 -15.08
CA LEU B 43 -19.57 17.68 -15.12
C LEU B 43 -19.57 19.10 -15.69
N SER B 44 -20.71 19.82 -15.64
CA SER B 44 -20.88 21.19 -16.23
C SER B 44 -19.76 22.13 -15.75
N ALA B 45 -19.46 22.14 -14.46
CA ALA B 45 -18.55 23.12 -13.84
C ALA B 45 -17.10 22.65 -13.93
N TYR B 46 -16.83 21.50 -14.58
CA TYR B 46 -15.51 20.85 -14.68
C TYR B 46 -14.83 21.22 -15.99
N SER B 47 -13.51 21.37 -16.01
CA SER B 47 -12.71 21.73 -17.22
C SER B 47 -12.47 20.48 -18.09
N THR B 48 -12.55 19.29 -17.50
CA THR B 48 -12.52 17.99 -18.24
C THR B 48 -13.87 17.28 -18.03
N ARG B 49 -14.47 16.79 -19.12
CA ARG B 49 -15.82 16.15 -19.11
C ARG B 49 -15.76 14.75 -19.72
N PHE B 50 -14.55 14.22 -19.93
CA PHE B 50 -14.36 12.93 -20.62
C PHE B 50 -13.30 12.10 -19.87
N GLY B 51 -13.24 10.82 -20.22
CA GLY B 51 -12.27 9.85 -19.67
C GLY B 51 -12.52 8.46 -20.20
N GLY B 52 -11.79 7.48 -19.65
CA GLY B 52 -11.94 6.04 -19.94
C GLY B 52 -12.81 5.37 -18.90
N SER B 53 -14.09 5.21 -19.18
CA SER B 53 -15.07 4.53 -18.30
C SER B 53 -15.06 3.04 -18.64
N VAL B 54 -15.31 2.17 -17.67
CA VAL B 54 -15.64 0.75 -17.99
C VAL B 54 -17.09 0.70 -18.47
N LYS B 55 -17.38 0.15 -19.64
CA LYS B 55 -18.73 0.17 -20.23
C LYS B 55 -19.42 -1.19 -20.10
N GLY B 56 -20.56 -1.22 -19.43
CA GLY B 56 -21.45 -2.39 -19.35
C GLY B 56 -21.00 -3.44 -18.34
N PHE B 57 -20.18 -3.06 -17.35
CA PHE B 57 -19.71 -3.98 -16.28
C PHE B 57 -20.92 -4.50 -15.50
N ASN B 58 -21.03 -5.81 -15.42
CA ASN B 58 -22.08 -6.50 -14.64
C ASN B 58 -21.40 -7.21 -13.45
N VAL B 59 -21.42 -6.59 -12.26
CA VAL B 59 -20.80 -7.13 -11.03
C VAL B 59 -21.49 -8.43 -10.60
N GLU B 60 -22.78 -8.62 -10.95
CA GLU B 60 -23.51 -9.84 -10.54
C GLU B 60 -22.98 -11.08 -11.28
N GLU B 61 -22.07 -10.97 -12.27
CA GLU B 61 -21.35 -12.15 -12.82
C GLU B 61 -20.34 -12.67 -11.79
N TYR B 62 -19.99 -11.86 -10.79
CA TYR B 62 -18.93 -12.15 -9.81
C TYR B 62 -19.49 -12.26 -8.40
N LEU B 63 -20.37 -11.31 -8.01
CA LEU B 63 -20.90 -11.19 -6.63
C LEU B 63 -22.42 -11.16 -6.66
N SER B 64 -23.03 -11.54 -5.53
CA SER B 64 -24.46 -11.25 -5.24
C SER B 64 -24.65 -9.72 -5.18
N ALA B 65 -25.86 -9.25 -5.49
CA ALA B 65 -26.21 -7.81 -5.35
C ALA B 65 -25.83 -7.35 -3.94
N LYS B 66 -26.07 -8.19 -2.94
CA LYS B 66 -25.90 -7.79 -1.53
C LYS B 66 -24.41 -7.56 -1.22
N GLU B 67 -23.52 -8.47 -1.66
N GLU B 67 -23.56 -8.52 -1.64
CA GLU B 67 -22.06 -8.30 -1.42
CA GLU B 67 -22.07 -8.46 -1.58
C GLU B 67 -21.55 -7.11 -2.23
C GLU B 67 -21.59 -7.15 -2.22
N ALA B 68 -22.01 -6.92 -3.48
CA ALA B 68 -21.55 -5.81 -4.33
C ALA B 68 -21.97 -4.45 -3.73
N ARG B 69 -23.12 -4.37 -3.06
CA ARG B 69 -23.59 -3.10 -2.41
C ARG B 69 -22.60 -2.65 -1.33
N LYS B 70 -21.81 -3.56 -0.79
CA LYS B 70 -20.89 -3.28 0.35
C LYS B 70 -19.57 -2.71 -0.19
N LEU B 71 -19.30 -2.76 -1.50
CA LEU B 71 -17.94 -2.54 -2.05
C LEU B 71 -17.91 -1.37 -3.03
N ASP B 72 -16.95 -0.48 -2.85
CA ASP B 72 -16.66 0.58 -3.84
C ASP B 72 -16.43 -0.05 -5.21
N LEU B 73 -16.74 0.72 -6.26
CA LEU B 73 -16.46 0.29 -7.66
C LEU B 73 -15.00 -0.17 -7.82
N PHE B 74 -14.00 0.51 -7.23
CA PHE B 74 -12.57 0.11 -7.45
C PHE B 74 -12.36 -1.33 -6.95
N ILE B 75 -13.06 -1.72 -5.89
CA ILE B 75 -12.97 -3.09 -5.31
C ILE B 75 -13.69 -4.07 -6.23
N GLN B 76 -14.90 -3.72 -6.68
CA GLN B 76 -15.63 -4.55 -7.64
C GLN B 76 -14.70 -4.82 -8.82
N TYR B 77 -14.07 -3.79 -9.37
CA TYR B 77 -13.23 -3.93 -10.60
C TYR B 77 -12.03 -4.85 -10.32
N GLY B 78 -11.41 -4.69 -9.16
CA GLY B 78 -10.25 -5.49 -8.76
C GLY B 78 -10.63 -6.95 -8.63
N LEU B 79 -11.76 -7.22 -8.00
CA LEU B 79 -12.31 -8.58 -7.84
C LEU B 79 -12.63 -9.17 -9.21
N ALA B 80 -13.26 -8.43 -10.10
CA ALA B 80 -13.55 -8.95 -11.47
C ALA B 80 -12.26 -9.42 -12.14
N ALA B 81 -11.24 -8.54 -12.22
CA ALA B 81 -9.94 -8.88 -12.86
C ALA B 81 -9.36 -10.12 -12.18
N SER B 82 -9.40 -10.16 -10.85
CA SER B 82 -8.75 -11.24 -10.05
C SER B 82 -9.45 -12.57 -10.31
N PHE B 83 -10.79 -12.59 -10.29
CA PHE B 83 -11.56 -13.82 -10.55
C PHE B 83 -11.27 -14.29 -11.98
N GLN B 84 -11.18 -13.36 -12.94
CA GLN B 84 -10.89 -13.70 -14.35
C GLN B 84 -9.50 -14.34 -14.44
N ALA B 85 -8.53 -13.76 -13.74
CA ALA B 85 -7.11 -14.20 -13.75
C ALA B 85 -7.01 -15.63 -13.19
N VAL B 86 -7.67 -15.87 -12.06
CA VAL B 86 -7.62 -17.20 -11.41
C VAL B 86 -8.29 -18.24 -12.32
N ARG B 87 -9.48 -17.94 -12.87
CA ARG B 87 -10.15 -18.81 -13.87
C ARG B 87 -9.20 -19.08 -15.03
N ASP B 88 -8.60 -18.04 -15.59
CA ASP B 88 -7.73 -18.14 -16.79
C ASP B 88 -6.54 -19.08 -16.50
N SER B 89 -6.09 -19.16 -15.24
CA SER B 89 -4.89 -19.93 -14.82
C SER B 89 -5.20 -21.44 -14.70
N GLY B 90 -6.46 -21.81 -14.51
CA GLY B 90 -6.89 -23.20 -14.24
C GLY B 90 -6.49 -23.67 -12.85
N LEU B 91 -5.98 -22.80 -11.98
CA LEU B 91 -5.42 -23.24 -10.69
C LEU B 91 -6.54 -23.82 -9.81
N GLU B 92 -6.27 -24.95 -9.19
CA GLU B 92 -7.15 -25.60 -8.19
C GLU B 92 -6.56 -25.30 -6.79
N VAL B 93 -7.29 -24.51 -6.02
CA VAL B 93 -6.95 -24.23 -4.60
C VAL B 93 -7.42 -25.42 -3.77
N THR B 94 -6.54 -25.91 -2.89
CA THR B 94 -6.75 -27.08 -2.01
C THR B 94 -6.22 -26.80 -0.61
N ASP B 95 -6.59 -27.67 0.32
CA ASP B 95 -6.03 -27.65 1.68
C ASP B 95 -4.51 -27.78 1.59
N ALA B 96 -3.99 -28.51 0.60
CA ALA B 96 -2.54 -28.78 0.44
C ALA B 96 -1.80 -27.55 -0.06
N ASN B 97 -2.46 -26.56 -0.69
CA ASN B 97 -1.69 -25.42 -1.28
C ASN B 97 -2.20 -24.05 -0.83
N ARG B 98 -3.30 -23.96 -0.09
CA ARG B 98 -3.94 -22.64 0.13
C ARG B 98 -3.00 -21.73 0.92
N GLU B 99 -2.13 -22.26 1.77
CA GLU B 99 -1.20 -21.41 2.57
C GLU B 99 -0.09 -20.86 1.67
N ARG B 100 0.03 -21.33 0.43
CA ARG B 100 1.11 -20.95 -0.50
C ARG B 100 0.60 -20.02 -1.60
N ILE B 101 -0.66 -19.58 -1.49
CA ILE B 101 -1.32 -18.74 -2.53
C ILE B 101 -1.75 -17.45 -1.86
N GLY B 102 -1.23 -16.33 -2.33
CA GLY B 102 -1.49 -15.02 -1.73
C GLY B 102 -1.99 -14.03 -2.74
N VAL B 103 -2.20 -12.80 -2.30
N VAL B 103 -2.13 -12.78 -2.34
CA VAL B 103 -2.81 -11.70 -3.10
CA VAL B 103 -2.77 -11.74 -3.17
C VAL B 103 -2.11 -10.38 -2.78
C VAL B 103 -2.22 -10.36 -2.80
N SER B 104 -1.83 -9.59 -3.81
CA SER B 104 -1.39 -8.19 -3.68
C SER B 104 -2.04 -7.42 -4.82
N MET B 105 -3.26 -6.99 -4.57
CA MET B 105 -4.02 -6.13 -5.50
C MET B 105 -4.08 -4.74 -4.86
N GLY B 106 -3.66 -3.73 -5.61
CA GLY B 106 -3.54 -2.37 -5.07
C GLY B 106 -4.44 -1.35 -5.76
N SER B 107 -4.35 -0.13 -5.28
CA SER B 107 -5.03 1.05 -5.86
C SER B 107 -4.22 2.30 -5.53
N GLY B 108 -4.23 3.28 -6.44
CA GLY B 108 -3.54 4.56 -6.27
C GLY B 108 -4.32 5.47 -5.35
N ILE B 109 -5.65 5.51 -5.51
CA ILE B 109 -6.52 6.52 -4.86
C ILE B 109 -7.63 5.87 -4.04
N GLY B 110 -8.06 4.67 -4.35
CA GLY B 110 -9.01 3.94 -3.49
C GLY B 110 -10.42 4.47 -3.65
N GLY B 111 -11.18 4.56 -2.57
CA GLY B 111 -12.65 4.58 -2.60
C GLY B 111 -13.28 5.98 -2.72
N LEU B 112 -12.87 6.80 -3.69
CA LEU B 112 -13.35 8.20 -3.82
C LEU B 112 -14.85 8.26 -4.05
N THR B 113 -15.41 7.33 -4.84
CA THR B 113 -16.86 7.32 -5.18
C THR B 113 -17.68 7.05 -3.93
N ASN B 114 -17.25 6.08 -3.11
N ASN B 114 -17.21 6.13 -3.08
CA ASN B 114 -17.86 5.75 -1.80
CA ASN B 114 -17.90 5.78 -1.81
C ASN B 114 -17.70 6.96 -0.85
C ASN B 114 -17.68 6.92 -0.80
N ILE B 115 -16.49 7.50 -0.75
CA ILE B 115 -16.20 8.68 0.13
C ILE B 115 -17.14 9.83 -0.24
N GLU B 116 -17.27 10.09 -1.53
CA GLU B 116 -18.16 11.12 -2.10
C GLU B 116 -19.59 10.90 -1.64
N ASN B 117 -20.12 9.68 -1.81
CA ASN B 117 -21.54 9.39 -1.53
C ASN B 117 -21.78 9.43 -0.03
N ASN B 118 -20.80 9.06 0.81
CA ASN B 118 -20.96 9.08 2.29
C ASN B 118 -20.76 10.49 2.83
N CYS B 119 -19.94 11.32 2.16
CA CYS B 119 -19.86 12.78 2.42
C CYS B 119 -21.23 13.42 2.20
N ARG B 120 -21.88 13.10 1.08
CA ARG B 120 -23.26 13.57 0.78
C ARG B 120 -24.12 13.33 2.03
N SER B 121 -24.26 12.08 2.47
CA SER B 121 -25.05 11.68 3.67
C SER B 121 -24.59 12.48 4.92
N LEU B 122 -23.28 12.53 5.18
CA LEU B 122 -22.72 13.17 6.40
C LEU B 122 -23.11 14.65 6.46
N PHE B 123 -22.94 15.37 5.36
CA PHE B 123 -23.12 16.85 5.30
C PHE B 123 -24.60 17.20 5.37
N GLU B 124 -25.43 16.41 4.67
CA GLU B 124 -26.87 16.67 4.49
C GLU B 124 -27.68 16.25 5.72
N GLN B 125 -27.36 15.08 6.30
N GLN B 125 -27.40 15.08 6.31
CA GLN B 125 -28.19 14.38 7.31
CA GLN B 125 -28.21 14.55 7.44
C GLN B 125 -27.41 14.04 8.60
C GLN B 125 -27.36 13.86 8.52
N GLY B 126 -26.08 14.24 8.64
CA GLY B 126 -25.25 13.89 9.81
C GLY B 126 -24.68 12.48 9.79
N PRO B 127 -23.81 12.13 10.74
CA PRO B 127 -23.05 10.87 10.68
C PRO B 127 -23.87 9.57 10.78
N ARG B 128 -25.11 9.65 11.26
CA ARG B 128 -25.89 8.41 11.52
C ARG B 128 -26.39 7.86 10.19
N ARG B 129 -26.28 8.60 9.10
CA ARG B 129 -26.59 8.09 7.73
C ARG B 129 -25.34 7.52 7.04
N ILE B 130 -24.15 7.54 7.66
CA ILE B 130 -22.95 6.86 7.08
C ILE B 130 -23.18 5.34 7.10
N SER B 131 -22.89 4.67 5.99
CA SER B 131 -23.04 3.21 5.82
C SER B 131 -22.14 2.49 6.81
N PRO B 132 -22.69 1.42 7.45
CA PRO B 132 -21.90 0.49 8.25
C PRO B 132 -20.67 -0.13 7.55
N PHE B 133 -20.76 -0.26 6.23
CA PHE B 133 -19.70 -0.93 5.43
C PHE B 133 -18.79 0.14 4.83
N PHE B 134 -19.01 1.41 5.17
CA PHE B 134 -18.21 2.52 4.64
C PHE B 134 -16.72 2.17 4.71
N VAL B 135 -16.20 1.83 5.89
CA VAL B 135 -14.73 1.62 6.06
C VAL B 135 -14.28 0.36 5.31
N PRO B 136 -14.78 -0.86 5.61
CA PRO B 136 -14.27 -2.06 4.93
C PRO B 136 -14.63 -2.05 3.43
N GLY B 137 -15.71 -1.37 3.06
CA GLY B 137 -16.14 -1.24 1.65
C GLY B 137 -15.34 -0.21 0.87
N SER B 138 -14.39 0.53 1.49
CA SER B 138 -13.69 1.67 0.83
C SER B 138 -12.16 1.52 0.91
N ILE B 139 -11.61 0.71 1.80
CA ILE B 139 -10.14 0.69 2.06
C ILE B 139 -9.46 -0.17 1.00
N ILE B 140 -8.24 0.18 0.64
CA ILE B 140 -7.58 -0.35 -0.59
C ILE B 140 -7.31 -1.87 -0.45
N ASN B 141 -7.07 -2.37 0.76
CA ASN B 141 -6.65 -3.79 0.93
C ASN B 141 -7.86 -4.72 0.83
N MET B 142 -9.05 -4.21 0.54
CA MET B 142 -10.24 -5.09 0.54
C MET B 142 -10.34 -5.91 -0.76
N VAL B 143 -9.62 -5.59 -1.84
CA VAL B 143 -9.60 -6.49 -3.02
C VAL B 143 -8.83 -7.75 -2.59
N SER B 144 -7.64 -7.59 -2.03
CA SER B 144 -6.87 -8.72 -1.46
C SER B 144 -7.72 -9.44 -0.41
N GLY B 145 -8.35 -8.68 0.49
CA GLY B 145 -9.17 -9.23 1.58
C GLY B 145 -10.31 -10.06 1.03
N PHE B 146 -11.14 -9.48 0.15
CA PHE B 146 -12.36 -10.19 -0.32
C PHE B 146 -11.91 -11.39 -1.15
N LEU B 147 -10.84 -11.21 -1.94
CA LEU B 147 -10.43 -12.29 -2.85
C LEU B 147 -9.97 -13.48 -2.01
N SER B 148 -9.13 -13.23 -1.01
N SER B 148 -9.11 -13.21 -1.01
CA SER B 148 -8.61 -14.29 -0.10
CA SER B 148 -8.59 -14.22 -0.04
C SER B 148 -9.78 -15.00 0.58
C SER B 148 -9.77 -14.98 0.59
N ILE B 149 -10.79 -14.26 1.05
CA ILE B 149 -11.96 -14.85 1.75
C ILE B 149 -12.74 -15.71 0.75
N HIS B 150 -12.99 -15.22 -0.46
CA HIS B 150 -13.85 -15.92 -1.43
C HIS B 150 -13.19 -17.24 -1.87
N LEU B 151 -11.87 -17.24 -2.11
CA LEU B 151 -11.15 -18.39 -2.71
C LEU B 151 -10.41 -19.17 -1.62
N GLY B 152 -10.41 -18.73 -0.35
CA GLY B 152 -9.73 -19.45 0.74
C GLY B 152 -8.20 -19.35 0.61
N LEU B 153 -7.68 -18.20 0.21
CA LEU B 153 -6.21 -18.00 0.01
C LEU B 153 -5.60 -17.54 1.33
N GLN B 154 -4.61 -18.29 1.83
CA GLN B 154 -4.04 -18.08 3.18
C GLN B 154 -2.59 -17.61 3.08
N GLY B 155 -2.08 -17.44 1.86
CA GLY B 155 -0.71 -16.93 1.60
C GLY B 155 -0.58 -15.45 1.98
N PRO B 156 0.57 -14.81 1.71
CA PRO B 156 0.75 -13.38 1.96
C PRO B 156 -0.45 -12.59 1.42
N ASN B 157 -1.03 -11.72 2.27
N ASN B 157 -0.99 -11.70 2.26
CA ASN B 157 -2.22 -10.92 1.93
CA ASN B 157 -2.23 -10.91 1.99
C ASN B 157 -1.91 -9.45 2.21
C ASN B 157 -1.92 -9.42 2.23
N TYR B 158 -1.71 -8.66 1.15
CA TYR B 158 -1.34 -7.23 1.30
C TYR B 158 -1.79 -6.46 0.08
N ALA B 159 -1.61 -5.15 0.16
CA ALA B 159 -1.99 -4.20 -0.89
C ALA B 159 -0.96 -3.07 -0.88
N LEU B 160 -0.46 -2.73 -2.06
CA LEU B 160 0.42 -1.57 -2.30
C LEU B 160 -0.46 -0.38 -2.68
N THR B 161 0.06 0.82 -2.47
CA THR B 161 -0.54 2.05 -2.99
C THR B 161 0.64 2.97 -3.31
N THR B 162 1.06 3.00 -4.56
CA THR B 162 2.16 3.88 -5.02
C THR B 162 1.66 4.71 -6.18
N ALA B 163 0.50 5.31 -5.99
CA ALA B 163 -0.16 6.15 -7.01
C ALA B 163 -0.14 5.47 -8.39
N GLN B 164 0.38 6.16 -9.40
CA GLN B 164 0.37 5.69 -10.81
C GLN B 164 1.34 4.51 -11.00
N THR B 165 2.09 4.13 -9.97
CA THR B 165 3.09 3.02 -10.04
C THR B 165 2.52 1.76 -9.38
N THR B 166 1.34 1.84 -8.76
CA THR B 166 0.77 0.75 -7.94
C THR B 166 0.79 -0.60 -8.66
N GLY B 167 0.17 -0.71 -9.84
CA GLY B 167 0.05 -2.02 -10.51
C GLY B 167 1.43 -2.64 -10.80
N THR B 168 2.40 -1.84 -11.20
CA THR B 168 3.78 -2.33 -11.51
C THR B 168 4.46 -2.84 -10.23
N HIS B 169 4.41 -2.09 -9.14
CA HIS B 169 5.02 -2.52 -7.86
C HIS B 169 4.32 -3.77 -7.30
N SER B 170 2.98 -3.83 -7.41
CA SER B 170 2.20 -4.97 -6.87
C SER B 170 2.70 -6.26 -7.51
N ILE B 171 2.81 -6.24 -8.82
CA ILE B 171 3.22 -7.42 -9.62
C ILE B 171 4.67 -7.75 -9.28
N GLY B 172 5.51 -6.74 -9.24
CA GLY B 172 6.95 -6.92 -8.98
C GLY B 172 7.20 -7.52 -7.62
N MET B 173 6.55 -6.98 -6.58
N MET B 173 6.54 -6.99 -6.58
CA MET B 173 6.73 -7.42 -5.17
CA MET B 173 6.74 -7.44 -5.18
C MET B 173 6.08 -8.79 -4.97
C MET B 173 6.09 -8.82 -4.99
N ALA B 174 4.99 -9.10 -5.69
CA ALA B 174 4.37 -10.45 -5.67
C ALA B 174 5.36 -11.46 -6.28
N ALA B 175 6.06 -11.05 -7.33
CA ALA B 175 7.06 -11.90 -8.02
C ALA B 175 8.20 -12.19 -7.07
N ARG B 176 8.63 -11.21 -6.28
CA ARG B 176 9.64 -11.41 -5.21
C ARG B 176 9.17 -12.45 -4.18
N ASN B 177 7.92 -12.35 -3.74
CA ASN B 177 7.36 -13.30 -2.75
C ASN B 177 7.60 -14.73 -3.26
N ILE B 178 7.35 -14.99 -4.55
CA ILE B 178 7.44 -16.35 -5.13
C ILE B 178 8.92 -16.72 -5.31
N ALA B 179 9.70 -15.81 -5.88
CA ALA B 179 11.13 -16.02 -6.16
C ALA B 179 11.86 -16.41 -4.88
N TYR B 180 11.54 -15.78 -3.76
CA TYR B 180 12.26 -15.99 -2.46
C TYR B 180 11.51 -17.00 -1.59
N GLY B 181 10.48 -17.66 -2.13
CA GLY B 181 9.88 -18.88 -1.55
C GLY B 181 8.87 -18.59 -0.44
N GLU B 182 8.35 -17.36 -0.33
CA GLU B 182 7.31 -17.00 0.69
C GLU B 182 5.92 -17.40 0.16
N ALA B 183 5.80 -17.69 -1.13
CA ALA B 183 4.55 -18.14 -1.79
C ALA B 183 4.90 -18.95 -3.03
N ASP B 184 4.00 -19.79 -3.50
CA ASP B 184 4.12 -20.48 -4.80
C ASP B 184 3.25 -19.78 -5.86
N VAL B 185 2.16 -19.13 -5.45
CA VAL B 185 1.23 -18.44 -6.37
C VAL B 185 0.84 -17.09 -5.75
N MET B 186 0.75 -16.05 -6.56
CA MET B 186 0.22 -14.72 -6.14
C MET B 186 -0.70 -14.19 -7.24
N VAL B 187 -1.84 -13.65 -6.82
CA VAL B 187 -2.70 -12.80 -7.69
C VAL B 187 -2.26 -11.35 -7.45
N ALA B 188 -1.85 -10.63 -8.49
CA ALA B 188 -1.24 -9.30 -8.33
C ALA B 188 -1.70 -8.35 -9.43
N GLY B 189 -1.81 -7.08 -9.09
CA GLY B 189 -2.22 -6.03 -10.05
C GLY B 189 -2.83 -4.87 -9.32
N GLY B 190 -3.83 -4.23 -9.90
CA GLY B 190 -4.39 -3.01 -9.31
C GLY B 190 -5.73 -2.69 -9.92
N SER B 191 -6.46 -1.81 -9.27
CA SER B 191 -7.80 -1.39 -9.71
C SER B 191 -7.98 0.07 -9.31
N GLU B 192 -8.81 0.76 -10.05
CA GLU B 192 -8.96 2.21 -9.89
C GLU B 192 -10.31 2.62 -10.48
N MET B 193 -11.01 3.51 -9.77
N MET B 193 -10.97 3.53 -9.76
CA MET B 193 -12.23 4.20 -10.24
CA MET B 193 -12.24 4.19 -10.16
C MET B 193 -12.25 5.57 -9.58
C MET B 193 -12.27 5.59 -9.56
N ALA B 194 -11.60 6.54 -10.21
CA ALA B 194 -11.48 7.93 -9.71
C ALA B 194 -12.17 8.92 -10.66
N ALA B 195 -13.11 8.46 -11.51
CA ALA B 195 -14.05 9.31 -12.30
C ALA B 195 -15.22 9.75 -11.43
N CYS B 196 -14.94 10.36 -10.31
CA CYS B 196 -15.95 11.07 -9.51
C CYS B 196 -15.59 12.54 -9.62
N GLY B 197 -16.40 13.39 -9.02
CA GLY B 197 -16.08 14.80 -8.83
C GLY B 197 -14.71 14.93 -8.23
N LEU B 198 -14.32 13.99 -7.38
CA LEU B 198 -13.09 14.18 -6.59
C LEU B 198 -11.87 13.96 -7.48
N GLY B 199 -11.88 12.91 -8.31
CA GLY B 199 -10.73 12.57 -9.17
C GLY B 199 -10.65 13.57 -10.32
N LEU B 200 -11.76 13.81 -11.02
CA LEU B 200 -11.80 14.80 -12.12
C LEU B 200 -11.53 16.18 -11.54
N GLY B 201 -12.15 16.51 -10.41
CA GLY B 201 -11.98 17.81 -9.73
C GLY B 201 -10.56 17.99 -9.22
N GLY B 202 -10.02 16.98 -8.54
CA GLY B 202 -8.70 17.00 -7.91
C GLY B 202 -7.58 17.19 -8.90
N PHE B 203 -7.55 16.35 -9.94
CA PHE B 203 -6.52 16.42 -11.02
C PHE B 203 -6.77 17.67 -11.86
N GLY B 204 -8.03 18.06 -12.03
CA GLY B 204 -8.43 19.26 -12.75
C GLY B 204 -7.93 20.51 -12.06
N ALA B 205 -7.97 20.57 -10.73
CA ALA B 205 -7.48 21.70 -9.92
C ALA B 205 -5.98 21.87 -10.12
N ALA B 206 -5.24 20.77 -10.33
CA ALA B 206 -3.76 20.78 -10.57
C ALA B 206 -3.47 21.05 -12.06
N ARG B 207 -4.52 21.25 -12.87
CA ARG B 207 -4.49 21.38 -14.36
C ARG B 207 -3.57 20.30 -14.93
N ALA B 208 -3.74 19.05 -14.50
CA ALA B 208 -2.93 17.90 -14.92
C ALA B 208 -3.61 17.15 -16.08
N LEU B 209 -4.91 17.37 -16.26
CA LEU B 209 -5.77 16.66 -17.23
C LEU B 209 -5.79 17.42 -18.56
N SER B 210 -5.79 16.68 -19.66
CA SER B 210 -6.24 17.18 -20.96
C SER B 210 -7.65 17.76 -20.83
N THR B 211 -7.87 18.93 -21.42
CA THR B 211 -9.19 19.63 -21.49
C THR B 211 -9.71 19.63 -22.94
N ARG B 212 -9.24 18.72 -23.81
CA ARG B 212 -9.72 18.59 -25.22
C ARG B 212 -11.11 17.94 -25.27
N ASN B 213 -12.11 18.62 -24.72
CA ASN B 213 -13.53 18.16 -24.59
C ASN B 213 -14.18 17.96 -25.95
N ASP B 214 -13.72 18.67 -26.97
CA ASP B 214 -14.34 18.63 -28.32
C ASP B 214 -13.94 17.33 -29.03
N GLU B 215 -12.81 16.71 -28.65
CA GLU B 215 -12.31 15.49 -29.35
C GLU B 215 -11.68 14.54 -28.34
N PRO B 216 -12.51 13.92 -27.48
CA PRO B 216 -11.98 13.11 -26.39
C PRO B 216 -11.02 12.02 -26.88
N THR B 217 -11.29 11.45 -28.05
CA THR B 217 -10.51 10.28 -28.53
C THR B 217 -9.10 10.71 -28.99
N ARG B 218 -8.90 12.02 -29.20
CA ARG B 218 -7.59 12.58 -29.63
C ARG B 218 -6.86 13.17 -28.41
N ALA B 219 -7.47 13.15 -27.22
CA ALA B 219 -6.93 13.89 -26.05
C ALA B 219 -5.59 13.27 -25.67
N SER B 220 -5.55 11.94 -25.54
CA SER B 220 -4.37 11.19 -25.04
C SER B 220 -3.43 10.99 -26.24
N ARG B 221 -2.35 11.75 -26.30
CA ARG B 221 -1.48 11.83 -27.49
C ARG B 221 -0.04 11.91 -27.01
N PRO B 222 0.47 10.82 -26.39
CA PRO B 222 1.82 10.79 -25.84
C PRO B 222 2.89 11.10 -26.90
N TRP B 223 3.77 12.03 -26.54
CA TRP B 223 4.94 12.50 -27.33
C TRP B 223 4.54 13.42 -28.49
N ASP B 224 3.25 13.74 -28.64
CA ASP B 224 2.72 14.65 -29.68
C ASP B 224 2.87 16.07 -29.16
N ARG B 225 3.22 17.00 -30.04
CA ARG B 225 3.60 18.38 -29.62
C ARG B 225 2.39 19.12 -29.05
N ASP B 226 1.17 18.66 -29.33
CA ASP B 226 -0.12 19.29 -28.92
C ASP B 226 -0.77 18.60 -27.71
N ARG B 227 -0.10 17.65 -27.07
CA ARG B 227 -0.59 17.00 -25.82
C ARG B 227 -0.75 18.09 -24.75
N ASP B 228 -1.68 17.91 -23.83
CA ASP B 228 -2.00 18.93 -22.78
C ASP B 228 -2.44 18.23 -21.49
N GLY B 229 -1.88 17.05 -21.20
CA GLY B 229 -2.03 16.35 -19.91
C GLY B 229 -2.71 15.01 -20.09
N PHE B 230 -2.86 14.26 -19.02
CA PHE B 230 -3.32 12.84 -19.11
C PHE B 230 -4.84 12.80 -19.14
N VAL B 231 -5.34 11.63 -19.48
CA VAL B 231 -6.79 11.31 -19.55
C VAL B 231 -7.04 10.31 -18.43
N LEU B 232 -8.05 10.57 -17.62
CA LEU B 232 -8.37 9.75 -16.43
C LEU B 232 -9.23 8.58 -16.87
N SER B 233 -8.88 7.37 -16.42
CA SER B 233 -9.54 6.12 -16.86
C SER B 233 -9.69 5.18 -15.68
N ASP B 234 -10.63 4.25 -15.81
CA ASP B 234 -11.03 3.30 -14.75
C ASP B 234 -10.78 1.89 -15.20
N GLY B 235 -10.62 0.97 -14.25
CA GLY B 235 -10.56 -0.46 -14.60
C GLY B 235 -9.61 -1.20 -13.69
N SER B 236 -9.12 -2.34 -14.16
CA SER B 236 -8.33 -3.27 -13.33
C SER B 236 -7.53 -4.24 -14.20
N GLY B 237 -6.39 -4.66 -13.67
CA GLY B 237 -5.59 -5.76 -14.25
C GLY B 237 -5.17 -6.68 -13.13
N ALA B 238 -5.26 -8.00 -13.35
CA ALA B 238 -4.76 -9.01 -12.40
C ALA B 238 -3.98 -10.05 -13.18
N LEU B 239 -2.86 -10.47 -12.60
CA LEU B 239 -2.05 -11.57 -13.16
C LEU B 239 -2.00 -12.66 -12.11
N VAL B 240 -2.03 -13.91 -12.57
CA VAL B 240 -1.62 -15.03 -11.70
C VAL B 240 -0.13 -15.26 -11.96
N LEU B 241 0.66 -14.98 -10.95
CA LEU B 241 2.11 -15.27 -10.94
C LEU B 241 2.29 -16.62 -10.26
N GLU B 242 3.23 -17.42 -10.75
CA GLU B 242 3.35 -18.81 -10.29
C GLU B 242 4.81 -19.24 -10.42
N GLU B 243 5.30 -19.94 -9.40
CA GLU B 243 6.64 -20.53 -9.48
C GLU B 243 6.67 -21.52 -10.66
N LEU B 244 7.77 -21.55 -11.40
CA LEU B 244 7.88 -22.31 -12.68
C LEU B 244 7.61 -23.81 -12.48
N GLU B 245 8.30 -24.46 -11.56
CA GLU B 245 8.12 -25.92 -11.32
C GLU B 245 6.67 -26.19 -10.93
N HIS B 246 6.07 -25.32 -10.13
CA HIS B 246 4.64 -25.46 -9.74
C HIS B 246 3.76 -25.43 -11.00
N ALA B 247 4.00 -24.49 -11.91
CA ALA B 247 3.21 -24.32 -13.15
C ALA B 247 3.40 -25.56 -14.04
N ARG B 248 4.62 -26.05 -14.18
CA ARG B 248 4.95 -27.20 -15.09
C ARG B 248 4.34 -28.49 -14.54
N ALA B 249 4.38 -28.72 -13.21
CA ALA B 249 3.82 -29.92 -12.55
C ALA B 249 2.31 -30.06 -12.82
N ARG B 250 1.54 -28.97 -12.85
CA ARG B 250 0.07 -29.09 -13.08
C ARG B 250 -0.26 -28.89 -14.57
N GLY B 251 0.73 -28.72 -15.44
CA GLY B 251 0.53 -28.52 -16.88
C GLY B 251 -0.11 -27.18 -17.22
N ALA B 252 0.24 -26.14 -16.47
CA ALA B 252 -0.30 -24.77 -16.70
C ALA B 252 0.11 -24.27 -18.10
N ARG B 253 -0.76 -23.45 -18.69
CA ARG B 253 -0.44 -22.64 -19.89
C ARG B 253 0.36 -21.45 -19.36
N ILE B 254 1.57 -21.26 -19.88
CA ILE B 254 2.48 -20.18 -19.45
C ILE B 254 2.53 -19.13 -20.56
N TYR B 255 2.07 -17.91 -20.27
CA TYR B 255 2.12 -16.81 -21.26
C TYR B 255 3.56 -16.31 -21.45
N ALA B 256 4.29 -16.09 -20.37
CA ALA B 256 5.59 -15.39 -20.38
C ALA B 256 6.23 -15.60 -19.03
N GLU B 257 7.52 -15.30 -18.93
CA GLU B 257 8.29 -15.31 -17.67
C GLU B 257 8.52 -13.87 -17.21
N LEU B 258 8.38 -13.63 -15.91
CA LEU B 258 8.75 -12.34 -15.29
C LEU B 258 10.19 -12.48 -14.80
N VAL B 259 11.15 -11.87 -15.49
CA VAL B 259 12.61 -12.11 -15.26
C VAL B 259 13.22 -11.00 -14.41
N GLY B 260 12.63 -9.79 -14.42
CA GLY B 260 13.23 -8.58 -13.85
C GLY B 260 12.20 -7.65 -13.21
N PHE B 261 12.56 -7.09 -12.05
CA PHE B 261 11.80 -6.02 -11.37
C PHE B 261 12.76 -4.97 -10.84
N GLY B 262 12.49 -3.72 -11.20
CA GLY B 262 13.24 -2.54 -10.75
C GLY B 262 12.32 -1.55 -10.06
N MET B 263 12.86 -0.93 -9.02
CA MET B 263 12.25 0.18 -8.26
C MET B 263 13.31 1.27 -8.15
N SER B 264 12.88 2.51 -8.02
CA SER B 264 13.73 3.66 -7.68
C SER B 264 12.83 4.81 -7.23
N GLY B 265 13.45 5.79 -6.60
CA GLY B 265 12.88 7.09 -6.28
C GLY B 265 13.64 8.16 -7.04
N ASP B 266 12.92 9.03 -7.72
CA ASP B 266 13.45 10.32 -8.27
C ASP B 266 14.09 11.16 -7.15
N ALA B 267 13.45 11.24 -5.97
CA ALA B 267 13.80 12.20 -4.89
C ALA B 267 13.84 13.62 -5.48
N PHE B 268 12.88 13.95 -6.35
CA PHE B 268 12.97 15.17 -7.17
C PHE B 268 11.82 16.11 -6.81
N HIS B 269 10.60 15.81 -7.25
CA HIS B 269 9.40 16.67 -7.03
C HIS B 269 8.18 15.80 -6.75
N MET B 270 7.13 16.40 -6.18
CA MET B 270 5.91 15.70 -5.71
C MET B 270 5.13 15.16 -6.90
N THR B 271 5.08 15.88 -8.02
CA THR B 271 4.23 15.49 -9.18
C THR B 271 5.01 15.43 -10.49
N ALA B 272 6.09 16.20 -10.65
CA ALA B 272 6.87 16.28 -11.91
C ALA B 272 8.10 15.38 -11.84
N PRO B 273 8.46 14.68 -12.94
CA PRO B 273 9.72 13.95 -13.00
C PRO B 273 10.88 14.88 -13.33
N PRO B 274 12.13 14.49 -13.08
CA PRO B 274 13.27 15.26 -13.58
C PRO B 274 13.29 15.25 -15.12
N GLU B 275 13.70 16.36 -15.73
CA GLU B 275 13.66 16.55 -17.21
C GLU B 275 14.41 15.41 -17.93
N ASP B 276 15.52 14.92 -17.37
CA ASP B 276 16.39 13.88 -17.98
C ASP B 276 15.91 12.46 -17.63
N GLY B 277 14.84 12.32 -16.86
CA GLY B 277 14.32 10.99 -16.45
C GLY B 277 15.35 10.18 -15.70
N ALA B 278 16.25 10.83 -14.95
CA ALA B 278 17.35 10.15 -14.23
C ALA B 278 16.79 8.99 -13.38
N GLY B 279 15.62 9.17 -12.77
CA GLY B 279 15.02 8.16 -11.88
C GLY B 279 14.51 6.98 -12.66
N ALA B 280 13.77 7.24 -13.74
CA ALA B 280 13.29 6.19 -14.65
C ALA B 280 14.50 5.42 -15.22
N ALA B 281 15.62 6.08 -15.52
CA ALA B 281 16.83 5.44 -16.06
C ALA B 281 17.42 4.48 -15.03
N ARG B 282 17.52 4.89 -13.76
CA ARG B 282 18.07 4.05 -12.66
C ARG B 282 17.18 2.81 -12.47
N CYS B 283 15.88 3.02 -12.45
CA CYS B 283 14.85 1.96 -12.32
C CYS B 283 14.99 0.94 -13.46
N MET B 284 14.99 1.36 -14.72
CA MET B 284 15.16 0.41 -15.86
C MET B 284 16.50 -0.33 -15.74
N LYS B 285 17.59 0.38 -15.43
CA LYS B 285 18.91 -0.26 -15.21
C LYS B 285 18.82 -1.25 -14.06
N ASN B 286 18.09 -0.93 -12.97
CA ASN B 286 17.91 -1.85 -11.83
C ASN B 286 17.18 -3.11 -12.31
N ALA B 287 16.12 -2.95 -13.11
CA ALA B 287 15.28 -4.07 -13.62
C ALA B 287 16.10 -5.00 -14.53
N LEU B 288 16.90 -4.43 -15.42
CA LEU B 288 17.76 -5.21 -16.34
C LEU B 288 18.86 -5.94 -15.55
N ARG B 289 19.52 -5.28 -14.59
CA ARG B 289 20.48 -5.98 -13.69
C ARG B 289 19.76 -7.15 -13.01
N ASP B 290 18.54 -6.92 -12.51
CA ASP B 290 17.78 -7.96 -11.79
C ASP B 290 17.56 -9.15 -12.73
N ALA B 291 17.29 -8.91 -14.02
CA ALA B 291 17.02 -9.94 -15.04
C ALA B 291 18.34 -10.57 -15.55
N GLY B 292 19.50 -10.03 -15.18
CA GLY B 292 20.80 -10.42 -15.78
C GLY B 292 20.85 -10.13 -17.26
N LEU B 293 20.13 -9.12 -17.74
CA LEU B 293 20.07 -8.79 -19.18
C LEU B 293 20.82 -7.50 -19.49
N ASP B 294 21.37 -7.46 -20.70
N ASP B 294 21.42 -7.45 -20.69
CA ASP B 294 22.04 -6.27 -21.30
CA ASP B 294 22.05 -6.24 -21.26
C ASP B 294 20.95 -5.40 -21.91
C ASP B 294 20.95 -5.40 -21.89
N PRO B 295 21.00 -4.05 -21.75
CA PRO B 295 20.03 -3.18 -22.41
C PRO B 295 19.75 -3.56 -23.88
N ARG B 296 20.78 -4.02 -24.59
CA ARG B 296 20.68 -4.44 -26.02
C ARG B 296 19.67 -5.57 -26.25
N GLN B 297 19.35 -6.36 -25.24
CA GLN B 297 18.42 -7.52 -25.39
C GLN B 297 16.95 -7.05 -25.34
N VAL B 298 16.66 -5.78 -25.03
CA VAL B 298 15.25 -5.31 -24.93
C VAL B 298 14.70 -5.02 -26.33
N ASP B 299 13.50 -5.55 -26.61
CA ASP B 299 12.84 -5.39 -27.93
C ASP B 299 11.67 -4.41 -27.84
N TYR B 300 10.93 -4.41 -26.74
CA TYR B 300 9.63 -3.72 -26.67
C TYR B 300 9.51 -3.06 -25.29
N ILE B 301 9.14 -1.79 -25.26
CA ILE B 301 8.84 -1.07 -23.99
C ILE B 301 7.40 -0.57 -24.06
N ASN B 302 6.59 -1.00 -23.10
CA ASN B 302 5.32 -0.31 -22.82
C ASN B 302 5.66 0.82 -21.88
N ALA B 303 5.69 2.04 -22.42
CA ALA B 303 6.04 3.28 -21.71
C ALA B 303 4.98 3.58 -20.66
N HIS B 304 5.34 4.40 -19.67
CA HIS B 304 4.33 5.09 -18.85
C HIS B 304 3.51 6.00 -19.78
N GLY B 305 4.17 6.88 -20.56
CA GLY B 305 3.56 7.63 -21.68
C GLY B 305 2.17 8.20 -21.39
N THR B 306 2.08 9.07 -20.40
CA THR B 306 0.81 9.58 -19.83
C THR B 306 0.21 10.70 -20.67
N SER B 307 0.98 11.32 -21.59
CA SER B 307 0.56 12.51 -22.38
C SER B 307 0.71 13.81 -21.56
N THR B 308 1.56 13.83 -20.54
CA THR B 308 1.98 15.08 -19.85
C THR B 308 3.19 15.65 -20.58
N PRO B 309 3.29 16.99 -20.70
CA PRO B 309 4.45 17.60 -21.34
C PRO B 309 5.76 17.03 -20.75
N ALA B 310 6.00 17.16 -19.46
CA ALA B 310 7.30 16.82 -18.83
C ALA B 310 7.48 15.28 -18.76
N GLY B 311 6.44 14.50 -18.46
CA GLY B 311 6.53 13.04 -18.26
C GLY B 311 7.03 12.35 -19.52
N ASP B 312 6.42 12.65 -20.64
CA ASP B 312 6.70 11.99 -21.94
C ASP B 312 8.16 12.24 -22.34
N ILE B 313 8.64 13.47 -22.17
CA ILE B 313 9.99 13.89 -22.61
C ILE B 313 11.04 13.26 -21.67
N ALA B 314 10.79 13.22 -20.37
CA ALA B 314 11.63 12.50 -19.38
C ALA B 314 11.86 11.04 -19.80
N GLU B 315 10.81 10.36 -20.27
N GLU B 315 10.80 10.39 -20.27
CA GLU B 315 10.89 8.92 -20.64
CA GLU B 315 10.83 8.96 -20.66
C GLU B 315 11.77 8.75 -21.89
C GLU B 315 11.74 8.76 -21.88
N ILE B 316 11.64 9.64 -22.88
CA ILE B 316 12.55 9.60 -24.08
C ILE B 316 13.99 9.72 -23.59
N ALA B 317 14.29 10.73 -22.76
CA ALA B 317 15.65 10.95 -22.22
C ALA B 317 16.16 9.71 -21.46
N ALA B 318 15.33 9.13 -20.59
CA ALA B 318 15.71 7.92 -19.81
C ALA B 318 16.06 6.76 -20.77
N VAL B 319 15.20 6.50 -21.75
CA VAL B 319 15.41 5.39 -22.72
C VAL B 319 16.70 5.62 -23.51
N LYS B 320 16.91 6.82 -24.05
CA LYS B 320 18.19 7.15 -24.77
C LYS B 320 19.38 6.92 -23.85
N SER B 321 19.26 7.31 -22.58
CA SER B 321 20.34 7.18 -21.57
C SER B 321 20.66 5.71 -21.31
N VAL B 322 19.63 4.90 -21.08
CA VAL B 322 19.80 3.48 -20.70
C VAL B 322 20.30 2.67 -21.90
N PHE B 323 19.79 2.94 -23.10
CA PHE B 323 19.88 2.01 -24.24
C PHE B 323 20.89 2.48 -25.28
N GLY B 324 21.46 3.68 -25.16
CA GLY B 324 22.53 4.16 -26.05
C GLY B 324 22.20 3.85 -27.51
N GLU B 325 23.07 3.09 -28.19
CA GLU B 325 22.97 2.84 -29.66
C GLU B 325 21.86 1.82 -29.96
N HIS B 326 21.18 1.27 -28.95
CA HIS B 326 20.02 0.35 -29.13
C HIS B 326 18.68 1.09 -28.97
N ALA B 327 18.67 2.37 -28.60
CA ALA B 327 17.46 3.15 -28.22
C ALA B 327 16.45 3.22 -29.37
N HIS B 328 16.93 3.24 -30.63
CA HIS B 328 16.09 3.34 -31.85
C HIS B 328 15.66 1.96 -32.33
N ALA B 329 16.38 0.91 -31.95
CA ALA B 329 16.16 -0.47 -32.43
C ALA B 329 14.92 -1.04 -31.74
N LEU B 330 14.82 -0.89 -30.41
CA LEU B 330 13.59 -1.26 -29.67
C LEU B 330 12.41 -0.43 -30.18
N SER B 331 11.21 -0.96 -29.97
CA SER B 331 9.94 -0.23 -30.16
C SER B 331 9.39 0.14 -28.79
N MET B 332 8.90 1.36 -28.65
CA MET B 332 8.31 1.83 -27.38
C MET B 332 6.97 2.48 -27.73
N SER B 333 5.91 2.06 -27.05
CA SER B 333 4.57 2.64 -27.29
C SER B 333 3.87 2.90 -25.96
N SER B 334 2.99 3.88 -25.99
CA SER B 334 2.03 4.15 -24.89
C SER B 334 0.65 3.66 -25.31
N THR B 335 0.23 2.55 -24.74
CA THR B 335 -1.17 2.11 -24.88
C THR B 335 -2.09 3.11 -24.15
N LYS B 336 -1.58 4.03 -23.31
CA LYS B 336 -2.44 5.10 -22.73
C LYS B 336 -3.00 6.02 -23.82
N SER B 337 -2.41 5.99 -25.04
CA SER B 337 -2.95 6.68 -26.23
C SER B 337 -4.41 6.25 -26.49
N MET B 338 -4.75 5.01 -26.11
CA MET B 338 -6.06 4.35 -26.33
C MET B 338 -6.87 4.21 -25.02
N THR B 339 -6.22 3.83 -23.92
CA THR B 339 -6.88 3.43 -22.64
C THR B 339 -7.08 4.63 -21.72
N GLY B 340 -6.30 5.69 -21.93
CA GLY B 340 -6.09 6.71 -20.90
C GLY B 340 -5.28 6.12 -19.78
N HIS B 341 -5.22 6.85 -18.69
CA HIS B 341 -4.36 6.61 -17.54
C HIS B 341 -5.23 6.00 -16.44
N LEU B 342 -5.13 4.70 -16.23
CA LEU B 342 -5.88 3.98 -15.16
C LEU B 342 -5.19 4.12 -13.80
N LEU B 343 -4.24 5.05 -13.68
CA LEU B 343 -3.56 5.40 -12.40
C LEU B 343 -2.98 4.12 -11.76
N GLY B 344 -3.48 3.70 -10.58
CA GLY B 344 -2.96 2.50 -9.89
C GLY B 344 -3.14 1.22 -10.69
N ALA B 345 -4.09 1.15 -11.61
CA ALA B 345 -4.33 -0.03 -12.45
C ALA B 345 -3.51 0.07 -13.74
N ALA B 346 -2.92 1.22 -14.07
CA ALA B 346 -2.17 1.39 -15.34
C ALA B 346 -1.08 0.32 -15.47
N GLY B 347 -0.29 0.10 -14.43
CA GLY B 347 0.83 -0.86 -14.51
C GLY B 347 0.32 -2.28 -14.65
N ALA B 348 -0.85 -2.59 -14.10
CA ALA B 348 -1.44 -3.95 -14.17
C ALA B 348 -1.91 -4.21 -15.61
N VAL B 349 -2.73 -3.35 -16.20
CA VAL B 349 -3.24 -3.59 -17.59
C VAL B 349 -2.05 -3.53 -18.56
N GLU B 350 -1.01 -2.73 -18.26
CA GLU B 350 0.12 -2.53 -19.21
C GLU B 350 1.10 -3.72 -19.10
N ALA B 351 1.19 -4.37 -17.95
CA ALA B 351 1.94 -5.65 -17.82
C ALA B 351 1.27 -6.72 -18.69
N ILE B 352 -0.08 -6.74 -18.70
CA ILE B 352 -0.83 -7.73 -19.53
C ILE B 352 -0.57 -7.44 -21.00
N PHE B 353 -0.59 -6.16 -21.40
CA PHE B 353 -0.37 -5.80 -22.81
C PHE B 353 1.07 -6.14 -23.19
N SER B 354 2.01 -6.07 -22.25
CA SER B 354 3.44 -6.40 -22.51
C SER B 354 3.60 -7.91 -22.73
N VAL B 355 2.89 -8.68 -21.92
CA VAL B 355 2.87 -10.16 -22.02
C VAL B 355 2.26 -10.53 -23.37
N LEU B 356 1.17 -9.88 -23.77
CA LEU B 356 0.47 -10.24 -25.03
C LEU B 356 1.32 -9.80 -26.23
N ALA B 357 2.12 -8.75 -26.13
CA ALA B 357 3.04 -8.33 -27.22
C ALA B 357 4.04 -9.44 -27.44
N LEU B 358 4.46 -10.13 -26.37
CA LEU B 358 5.37 -11.29 -26.46
C LEU B 358 4.62 -12.47 -27.12
N ARG B 359 3.41 -12.79 -26.67
CA ARG B 359 2.65 -13.93 -27.23
C ARG B 359 2.45 -13.68 -28.74
N ASP B 360 2.07 -12.48 -29.15
CA ASP B 360 1.56 -12.24 -30.52
C ASP B 360 2.64 -11.60 -31.41
N GLN B 361 3.84 -11.33 -30.88
CA GLN B 361 4.98 -10.72 -31.60
C GLN B 361 4.51 -9.45 -32.32
N VAL B 362 3.89 -8.53 -31.57
CA VAL B 362 3.37 -7.25 -32.12
C VAL B 362 3.53 -6.14 -31.08
N ALA B 363 4.05 -4.98 -31.50
CA ALA B 363 4.13 -3.75 -30.67
C ALA B 363 2.82 -2.98 -30.87
N PRO B 364 2.01 -2.80 -29.79
CA PRO B 364 0.84 -1.95 -29.83
C PRO B 364 1.19 -0.55 -30.27
N PRO B 365 0.24 0.17 -30.91
CA PRO B 365 0.48 1.53 -31.39
C PRO B 365 0.46 2.57 -30.28
N THR B 366 1.16 3.67 -30.53
CA THR B 366 0.88 4.96 -29.89
C THR B 366 -0.03 5.70 -30.86
N ILE B 367 -1.34 5.70 -30.64
CA ILE B 367 -2.26 6.44 -31.54
C ILE B 367 -2.13 7.95 -31.26
N ASN B 368 -2.58 8.78 -32.20
CA ASN B 368 -2.65 10.26 -32.07
C ASN B 368 -1.24 10.89 -32.16
N LEU B 369 -0.19 10.14 -32.50
CA LEU B 369 1.20 10.65 -32.56
C LEU B 369 1.39 11.24 -33.95
N ASP B 370 0.70 12.34 -34.22
CA ASP B 370 0.60 13.00 -35.54
C ASP B 370 1.86 13.80 -35.81
N ASN B 371 2.40 14.45 -34.76
CA ASN B 371 3.56 15.38 -34.81
C ASN B 371 4.45 15.17 -33.59
N PRO B 372 5.36 14.17 -33.64
CA PRO B 372 6.31 13.96 -32.58
C PRO B 372 6.93 15.29 -32.15
N ASP B 373 7.13 15.45 -30.84
CA ASP B 373 7.73 16.66 -30.24
C ASP B 373 9.25 16.63 -30.45
N GLU B 374 9.90 17.74 -30.12
CA GLU B 374 11.38 17.91 -30.11
C GLU B 374 12.04 16.72 -29.40
N GLY B 375 12.88 15.97 -30.10
CA GLY B 375 13.69 14.89 -29.50
C GLY B 375 12.94 13.57 -29.41
N CYS B 376 11.67 13.53 -29.82
CA CYS B 376 10.81 12.32 -29.76
C CYS B 376 10.98 11.53 -31.07
N ASP B 377 12.20 11.09 -31.35
CA ASP B 377 12.58 10.52 -32.67
C ASP B 377 12.83 9.02 -32.54
N LEU B 378 12.46 8.40 -31.41
CA LEU B 378 12.50 6.93 -31.24
C LEU B 378 11.43 6.28 -32.11
N ASP B 379 11.44 4.96 -32.16
CA ASP B 379 10.36 4.16 -32.79
C ASP B 379 9.22 4.09 -31.73
N LEU B 380 8.26 5.01 -31.83
CA LEU B 380 7.15 5.13 -30.85
C LEU B 380 5.90 4.43 -31.41
N VAL B 381 6.08 3.63 -32.47
CA VAL B 381 5.00 2.85 -33.11
C VAL B 381 3.80 3.77 -33.38
N ALA B 382 4.03 4.92 -34.01
CA ALA B 382 2.96 5.89 -34.34
C ALA B 382 1.82 5.19 -35.11
N HIS B 383 0.59 5.42 -34.65
CA HIS B 383 -0.70 5.23 -35.36
C HIS B 383 -1.13 3.76 -35.44
N GLU B 384 -0.24 2.83 -35.80
CA GLU B 384 -0.58 1.45 -36.21
C GLU B 384 0.32 0.43 -35.51
N ALA B 385 -0.25 -0.72 -35.16
CA ALA B 385 0.47 -1.84 -34.51
C ALA B 385 1.57 -2.30 -35.46
N LYS B 386 2.68 -2.79 -34.93
CA LYS B 386 3.87 -3.20 -35.72
C LYS B 386 4.25 -4.62 -35.31
N PRO B 387 3.93 -5.65 -36.13
CA PRO B 387 4.51 -6.98 -35.94
C PRO B 387 6.03 -6.89 -35.99
N ARG B 388 6.70 -7.59 -35.08
CA ARG B 388 8.18 -7.55 -34.99
C ARG B 388 8.60 -8.65 -34.04
N LYS B 389 9.89 -8.95 -34.02
CA LYS B 389 10.48 -9.89 -33.05
C LYS B 389 10.48 -9.23 -31.68
N ILE B 390 9.93 -9.90 -30.68
CA ILE B 390 9.99 -9.45 -29.27
C ILE B 390 10.33 -10.64 -28.41
N ASP B 391 11.55 -10.68 -27.87
CA ASP B 391 11.96 -11.69 -26.87
C ASP B 391 11.82 -11.11 -25.46
N VAL B 392 12.14 -9.82 -25.28
CA VAL B 392 12.17 -9.11 -23.98
C VAL B 392 11.35 -7.83 -24.10
N ALA B 393 10.39 -7.67 -23.19
CA ALA B 393 9.45 -6.53 -23.10
C ALA B 393 9.56 -5.92 -21.69
N LEU B 394 9.70 -4.60 -21.63
CA LEU B 394 9.71 -3.83 -20.36
C LEU B 394 8.35 -3.15 -20.23
N SER B 395 7.87 -3.01 -18.99
CA SER B 395 6.71 -2.15 -18.68
C SER B 395 7.11 -1.17 -17.59
N ASN B 396 7.03 0.14 -17.88
CA ASN B 396 7.46 1.22 -16.97
C ASN B 396 6.23 1.94 -16.35
N SER B 397 6.37 2.30 -15.09
CA SER B 397 5.45 3.21 -14.36
C SER B 397 6.29 4.21 -13.55
N PHE B 398 5.98 5.50 -13.72
CA PHE B 398 6.65 6.62 -13.02
C PHE B 398 5.54 7.51 -12.41
N GLY B 399 5.37 7.52 -11.09
CA GLY B 399 4.22 8.15 -10.39
C GLY B 399 4.59 9.30 -9.45
N PHE B 400 3.56 9.93 -8.89
CA PHE B 400 3.65 11.01 -7.89
C PHE B 400 4.56 10.55 -6.75
N GLY B 401 5.32 11.48 -6.19
CA GLY B 401 6.34 11.20 -5.17
C GLY B 401 7.63 10.74 -5.80
N GLY B 402 7.68 10.68 -7.14
CA GLY B 402 8.87 10.25 -7.91
C GLY B 402 9.14 8.77 -7.74
N THR B 403 8.08 7.99 -7.57
CA THR B 403 8.14 6.51 -7.35
C THR B 403 8.10 5.80 -8.71
N ASN B 404 9.11 5.00 -8.99
CA ASN B 404 9.31 4.35 -10.31
C ASN B 404 9.26 2.83 -10.14
N GLY B 405 8.71 2.17 -11.14
CA GLY B 405 8.64 0.72 -11.26
C GLY B 405 8.92 0.29 -12.69
N THR B 406 9.69 -0.78 -12.86
CA THR B 406 9.92 -1.43 -14.18
C THR B 406 9.80 -2.95 -14.00
N LEU B 407 9.03 -3.57 -14.90
CA LEU B 407 8.94 -5.04 -15.00
C LEU B 407 9.59 -5.48 -16.31
N VAL B 408 10.37 -6.57 -16.25
CA VAL B 408 10.97 -7.24 -17.44
C VAL B 408 10.30 -8.59 -17.61
N PHE B 409 9.65 -8.79 -18.75
CA PHE B 409 9.07 -10.07 -19.20
C PHE B 409 9.87 -10.59 -20.40
N ARG B 410 10.00 -11.91 -20.48
CA ARG B 410 10.73 -12.63 -21.55
C ARG B 410 9.83 -13.74 -22.07
N ARG B 411 9.89 -14.03 -23.37
CA ARG B 411 9.24 -15.20 -23.99
C ARG B 411 9.63 -16.46 -23.21
N PHE B 412 8.69 -17.37 -23.03
CA PHE B 412 8.91 -18.67 -22.36
C PHE B 412 8.63 -19.80 -23.37
N ALA B 413 9.60 -20.67 -23.63
CA ALA B 413 9.47 -21.88 -24.48
C ALA B 413 10.38 -22.99 -23.97
N1 NUM C . 15.91 15.10 10.73
C4 NUM C . 18.96 14.21 8.59
C5 NUM C . 18.17 14.43 9.85
C6 NUM C . 16.66 14.71 9.53
C7 NUM C . 15.33 16.36 10.91
C8 NUM C . 14.60 16.56 12.23
C10 NUM C . 13.39 17.97 13.78
C13 NUM C . 19.02 15.20 7.55
C1 NUM C . 20.56 13.76 6.32
C11 NUM C . 13.38 16.90 14.69
C12 NUM C . 13.99 15.68 14.31
C14 NUM C . 19.82 14.97 6.40
C2 NUM C . 20.47 12.77 7.31
C3 NUM C . 19.69 13.02 8.44
C9 NUM C . 14.00 17.81 12.53
N2 NUM C . 14.60 15.51 13.10
O1 NUM C . 21.42 13.62 5.28
O2 NUM C . 15.42 17.23 10.07
S DMS D . 14.44 -10.09 7.74
O DMS D . 13.97 -10.65 6.43
C1 DMS D . 13.58 -10.99 9.03
C2 DMS D . 16.03 -10.80 8.01
S DMS E . 5.28 -25.59 24.30
O DMS E . 5.61 -25.08 25.70
C1 DMS E . 6.25 -24.64 23.14
C2 DMS E . 6.12 -27.16 24.16
S DMS F . -10.03 22.70 1.01
O DMS F . -10.61 23.00 -0.34
C1 DMS F . -11.04 23.52 2.22
C2 DMS F . -8.56 23.70 1.18
S DMS G . -16.81 -15.23 -9.62
O DMS G . -15.85 -16.13 -10.33
C1 DMS G . -18.39 -16.03 -9.80
C2 DMS G . -16.56 -15.53 -7.88
S DMS H . -10.16 -28.54 -0.83
O DMS H . -8.85 -29.35 -0.86
C1 DMS H . -10.93 -28.79 -2.41
C2 DMS H . -11.27 -29.50 0.18
S DMS I . 11.50 -12.28 -9.68
O DMS I . 12.21 -11.89 -8.40
C1 DMS I . 11.45 -10.78 -10.64
C2 DMS I . 12.70 -13.11 -10.69
S DMS J . -20.63 1.23 1.42
O DMS J . -20.40 2.71 1.54
C1 DMS J . -22.40 1.06 1.25
C2 DMS J . -20.21 0.77 -0.25
S DMS K . -12.30 -15.32 -18.41
O DMS K . -11.09 -15.52 -17.51
C1 DMS K . -12.20 -13.69 -19.05
C2 DMS K . -13.67 -15.09 -17.34
S DMS L . -22.01 0.93 -4.11
O DMS L . -20.65 0.94 -3.46
C1 DMS L . -21.76 0.49 -5.81
C2 DMS L . -22.46 2.64 -4.35
S DMS M . -10.60 -22.62 -7.60
O DMS M . -10.02 -23.68 -6.69
C1 DMS M . -12.28 -22.38 -7.09
C2 DMS M . -10.95 -23.43 -9.15
P PO4 N . 0.33 -28.11 -4.83
O1 PO4 N . -0.59 -28.83 -3.88
O2 PO4 N . 0.98 -29.12 -5.82
O3 PO4 N . -0.45 -27.07 -5.63
O4 PO4 N . 1.49 -27.44 -4.01
#